data_8ONF
#
_entry.id   8ONF
#
_cell.length_a   84.368
_cell.length_b   161.278
_cell.length_c   52.067
_cell.angle_alpha   90.00
_cell.angle_beta   90.00
_cell.angle_gamma   90.00
#
_symmetry.space_group_name_H-M   'P 21 21 2'
#
loop_
_entity.id
_entity.type
_entity.pdbx_description
1 polymer 'Cell wall surface anchor family protein'
2 non-polymer 1,2-ETHANEDIOL
3 water water
#
_entity_poly.entity_id   1
_entity_poly.type   'polypeptide(L)'
_entity_poly.pdbx_seq_one_letter_code
;MDIGINSDPHHHHHHGGLDIVNNATGDDNRDDLNIRTYGATETSSLIMLRARGTASAPAAVQTGDRLGGVLFRGWNGTAW
MGSGQILSVAEENFTTAVKTNLQFHVGGAGEAMRISNTGNVGIGTTTTTEKLNVQGNVAVSGEITSVRSWGIKRGPTSFS
ANYINVWNSGYHVGSSIDCTTSTTGCRILKAGTYEIRCVQRAGTSGNSVYVGIALNGDRTALESRNDVLWNHSHTAYSGS
YTESNFMGTLSANDLITCGAPVNTMAADLVYAVPAYNGTMQIKRVD
;
_entity_poly.pdbx_strand_id   A,B,C
#
# COMPACT_ATOMS: atom_id res chain seq x y z
N ASN A 29 7.16 -24.83 41.67
CA ASN A 29 6.49 -25.91 40.90
C ASN A 29 7.21 -26.21 39.59
N ARG A 30 7.48 -27.49 39.32
CA ARG A 30 8.20 -27.88 38.08
C ARG A 30 7.24 -28.60 37.14
N ASP A 31 6.04 -28.94 37.61
CA ASP A 31 5.12 -29.75 36.78
C ASP A 31 4.32 -28.86 35.83
N ASP A 32 4.06 -29.34 34.62
CA ASP A 32 3.20 -28.58 33.68
C ASP A 32 1.80 -28.47 34.32
N LEU A 33 1.16 -27.31 34.20
CA LEU A 33 -0.21 -27.15 34.70
C LEU A 33 -1.18 -27.64 33.62
N ASN A 34 -1.95 -28.68 33.92
CA ASN A 34 -2.93 -29.19 32.97
C ASN A 34 -4.34 -28.86 33.45
N ILE A 35 -5.13 -28.26 32.56
CA ILE A 35 -6.54 -28.00 32.80
C ILE A 35 -7.33 -28.80 31.77
N ARG A 36 -8.14 -29.75 32.23
CA ARG A 36 -8.85 -30.63 31.30
C ARG A 36 -10.35 -30.56 31.57
N THR A 37 -11.13 -30.43 30.51
CA THR A 37 -12.58 -30.32 30.62
C THR A 37 -13.24 -31.28 29.65
N TYR A 38 -14.20 -32.06 30.16
CA TYR A 38 -15.06 -32.91 29.35
C TYR A 38 -16.49 -32.38 29.45
N GLY A 39 -17.14 -32.18 28.31
CA GLY A 39 -18.51 -31.74 28.31
C GLY A 39 -18.84 -30.94 27.07
N ALA A 40 -20.08 -30.45 27.04
CA ALA A 40 -20.64 -29.77 25.87
C ALA A 40 -20.72 -28.27 26.00
N THR A 41 -20.77 -27.72 27.22
CA THR A 41 -20.83 -26.28 27.43
C THR A 41 -19.58 -25.71 28.08
N GLU A 42 -18.94 -26.46 28.96
CA GLU A 42 -17.83 -25.92 29.72
C GLU A 42 -16.54 -25.98 28.91
N THR A 43 -15.55 -25.20 29.35
CA THR A 43 -14.25 -25.23 28.74
C THR A 43 -13.21 -25.07 29.85
N SER A 44 -11.94 -25.29 29.51
CA SER A 44 -10.85 -25.06 30.44
C SER A 44 -10.37 -23.63 30.31
N SER A 45 -10.18 -22.95 31.44
CA SER A 45 -9.71 -21.57 31.43
C SER A 45 -8.71 -21.33 32.54
N LEU A 46 -7.64 -20.62 32.21
CA LEU A 46 -6.86 -19.90 33.21
C LEU A 46 -7.47 -18.50 33.30
N ILE A 47 -7.90 -18.11 34.49
CA ILE A 47 -8.59 -16.85 34.71
C ILE A 47 -7.79 -16.02 35.70
N MET A 48 -7.46 -14.80 35.30
CA MET A 48 -6.70 -13.89 36.15
C MET A 48 -7.63 -12.72 36.47
N LEU A 49 -7.83 -12.45 37.76
CA LEU A 49 -8.79 -11.45 38.17
C LEU A 49 -8.10 -10.36 38.99
N ARG A 50 -8.54 -9.13 38.80
CA ARG A 50 -7.94 -7.98 39.48
C ARG A 50 -9.04 -7.11 40.07
N ALA A 51 -8.88 -6.75 41.34
CA ALA A 51 -9.68 -5.71 41.96
C ALA A 51 -8.77 -4.83 42.80
N ARG A 52 -9.27 -3.64 43.12
CA ARG A 52 -8.65 -2.83 44.15
C ARG A 52 -9.32 -3.15 45.48
N GLY A 53 -8.84 -2.52 46.56
CA GLY A 53 -9.45 -2.79 47.85
C GLY A 53 -9.05 -4.16 48.40
N THR A 54 -10.04 -4.84 48.99
CA THR A 54 -9.84 -6.14 49.62
C THR A 54 -11.03 -7.03 49.29
N ALA A 55 -10.89 -8.32 49.59
CA ALA A 55 -12.02 -9.23 49.41
C ALA A 55 -13.21 -8.81 50.28
N SER A 56 -12.95 -8.19 51.43
CA SER A 56 -14.03 -7.70 52.26
C SER A 56 -14.61 -6.37 51.78
N ALA A 57 -13.86 -5.61 50.98
CA ALA A 57 -14.33 -4.33 50.46
C ALA A 57 -13.68 -4.12 49.10
N PRO A 58 -14.19 -4.79 48.07
CA PRO A 58 -13.57 -4.66 46.75
C PRO A 58 -13.84 -3.30 46.15
N ALA A 59 -12.92 -2.85 45.32
CA ALA A 59 -13.04 -1.55 44.68
C ALA A 59 -12.70 -1.70 43.21
N ALA A 60 -13.26 -0.81 42.40
CA ALA A 60 -13.16 -0.94 40.96
C ALA A 60 -11.73 -0.72 40.46
N VAL A 61 -11.39 -1.43 39.39
CA VAL A 61 -10.13 -1.23 38.69
C VAL A 61 -10.03 0.19 38.16
N GLN A 62 -8.81 0.74 38.16
CA GLN A 62 -8.54 2.08 37.68
C GLN A 62 -7.66 2.03 36.43
N THR A 63 -7.72 3.11 35.64
CA THR A 63 -6.90 3.21 34.44
C THR A 63 -5.43 2.99 34.78
N GLY A 64 -4.74 2.20 33.96
CA GLY A 64 -3.35 1.84 34.19
C GLY A 64 -3.13 0.58 35.00
N ASP A 65 -4.15 0.05 35.67
CA ASP A 65 -4.01 -1.18 36.44
C ASP A 65 -3.82 -2.38 35.53
N ARG A 66 -2.86 -3.24 35.89
CA ARG A 66 -2.70 -4.50 35.18
C ARG A 66 -3.72 -5.52 35.69
N LEU A 67 -4.53 -6.05 34.78
CA LEU A 67 -5.46 -7.10 35.15
C LEU A 67 -4.74 -8.42 35.40
N GLY A 68 -3.71 -8.70 34.61
CA GLY A 68 -2.95 -9.92 34.77
C GLY A 68 -1.96 -10.05 33.65
N GLY A 69 -1.14 -11.09 33.75
CA GLY A 69 -0.11 -11.31 32.75
C GLY A 69 0.32 -12.75 32.68
N VAL A 70 0.69 -13.17 31.48
CA VAL A 70 1.46 -14.40 31.28
C VAL A 70 2.91 -13.96 31.06
N LEU A 71 3.78 -14.32 32.00
CA LEU A 71 5.16 -13.85 32.01
C LEU A 71 6.11 -15.01 31.77
N PHE A 72 7.13 -14.77 30.95
CA PHE A 72 8.20 -15.72 30.70
C PHE A 72 9.50 -15.18 31.26
N ARG A 73 10.28 -16.04 31.93
CA ARG A 73 11.58 -15.64 32.46
C ARG A 73 12.63 -16.70 32.16
N GLY A 74 13.88 -16.27 32.05
CA GLY A 74 14.97 -17.17 31.75
C GLY A 74 16.24 -16.81 32.49
N TRP A 75 17.01 -17.84 32.86
CA TRP A 75 18.25 -17.64 33.59
C TRP A 75 19.34 -17.14 32.65
N ASN A 76 20.04 -16.07 33.05
CA ASN A 76 21.11 -15.51 32.24
C ASN A 76 22.50 -15.78 32.81
N GLY A 77 22.61 -16.66 33.80
CA GLY A 77 23.88 -16.86 34.47
C GLY A 77 23.86 -16.39 35.91
N THR A 78 23.18 -15.27 36.18
CA THR A 78 23.11 -14.72 37.53
C THR A 78 21.71 -14.31 37.99
N ALA A 79 20.73 -14.22 37.08
CA ALA A 79 19.41 -13.72 37.46
C ALA A 79 18.37 -14.28 36.52
N TRP A 80 17.13 -14.31 37.02
CA TRP A 80 15.96 -14.58 36.19
C TRP A 80 15.56 -13.29 35.48
N MET A 81 15.61 -13.29 34.16
CA MET A 81 15.35 -12.11 33.34
C MET A 81 14.02 -12.25 32.60
N GLY A 82 13.30 -11.13 32.51
CA GLY A 82 12.11 -11.04 31.70
C GLY A 82 12.37 -11.44 30.25
N SER A 83 11.62 -12.43 29.78
CA SER A 83 11.84 -13.03 28.47
C SER A 83 10.55 -13.10 27.66
N GLY A 84 9.79 -12.01 27.68
CA GLY A 84 8.52 -11.95 26.98
C GLY A 84 7.35 -11.99 27.93
N GLN A 85 6.26 -11.33 27.54
CA GLN A 85 5.06 -11.36 28.38
C GLN A 85 3.86 -10.93 27.56
N ILE A 86 2.69 -11.39 27.98
CA ILE A 86 1.41 -10.98 27.43
C ILE A 86 0.61 -10.38 28.59
N LEU A 87 0.28 -9.09 28.47
CA LEU A 87 -0.36 -8.35 29.54
C LEU A 87 -1.73 -7.83 29.13
N SER A 88 -2.64 -7.76 30.10
CA SER A 88 -3.90 -7.04 29.96
C SER A 88 -3.87 -5.85 30.90
N VAL A 89 -4.09 -4.64 30.37
CA VAL A 89 -3.98 -3.42 31.16
C VAL A 89 -5.22 -2.54 30.95
N ALA A 90 -5.73 -1.95 32.02
CA ALA A 90 -6.91 -1.10 31.92
C ALA A 90 -6.55 0.25 31.29
N GLU A 91 -7.41 0.73 30.38
CA GLU A 91 -7.24 2.07 29.80
C GLU A 91 -8.35 3.05 30.15
N GLU A 92 -9.20 2.70 31.12
CA GLU A 92 -10.25 3.57 31.60
C GLU A 92 -10.57 3.11 33.02
N ASN A 93 -11.06 4.04 33.83
CA ASN A 93 -11.58 3.65 35.14
C ASN A 93 -12.82 2.80 34.94
N PHE A 94 -12.83 1.61 35.55
CA PHE A 94 -13.89 0.66 35.27
C PHE A 94 -15.26 1.14 35.77
N THR A 95 -15.31 2.04 36.76
CA THR A 95 -16.62 2.58 37.12
C THR A 95 -17.19 3.44 36.00
N THR A 96 -16.36 3.93 35.09
CA THR A 96 -16.80 4.67 33.92
C THR A 96 -17.08 3.73 32.75
N ALA A 97 -16.10 2.90 32.39
CA ALA A 97 -16.28 1.93 31.32
C ALA A 97 -15.16 0.90 31.40
N VAL A 98 -15.47 -0.33 30.98
CA VAL A 98 -14.48 -1.40 30.92
C VAL A 98 -13.77 -1.30 29.59
N LYS A 99 -12.56 -0.74 29.60
CA LYS A 99 -11.73 -0.60 28.41
C LYS A 99 -10.33 -1.08 28.76
N THR A 100 -9.80 -2.00 27.96
CA THR A 100 -8.49 -2.56 28.22
C THR A 100 -7.70 -2.66 26.94
N ASN A 101 -6.39 -2.82 27.11
CA ASN A 101 -5.49 -3.19 26.02
C ASN A 101 -4.81 -4.50 26.33
N LEU A 102 -4.33 -5.12 25.26
CA LEU A 102 -3.51 -6.32 25.30
C LEU A 102 -2.13 -5.92 24.80
N GLN A 103 -1.08 -6.35 25.48
CA GLN A 103 0.29 -6.00 25.12
C GLN A 103 1.09 -7.27 24.95
N PHE A 104 1.88 -7.32 23.89
CA PHE A 104 2.77 -8.44 23.57
C PHE A 104 4.18 -7.88 23.59
N HIS A 105 4.97 -8.37 24.57
CA HIS A 105 6.35 -7.97 24.83
C HIS A 105 7.29 -9.14 24.52
N VAL A 106 8.46 -8.81 23.97
CA VAL A 106 9.53 -9.78 23.72
C VAL A 106 10.77 -9.36 24.49
N GLY A 107 11.60 -10.33 24.84
CA GLY A 107 12.93 -10.01 25.32
C GLY A 107 13.74 -9.31 24.25
N GLY A 108 14.34 -8.17 24.59
CA GLY A 108 15.01 -7.34 23.62
C GLY A 108 14.28 -6.04 23.45
N ALA A 109 13.37 -5.98 22.48
CA ALA A 109 12.67 -4.73 22.17
C ALA A 109 11.71 -4.30 23.28
N GLY A 110 11.18 -5.24 24.06
CA GLY A 110 10.13 -4.91 25.00
C GLY A 110 8.77 -4.98 24.34
N GLU A 111 7.88 -4.02 24.59
CA GLU A 111 6.56 -4.10 23.97
C GLU A 111 6.69 -4.01 22.46
N ALA A 112 6.15 -5.01 21.78
CA ALA A 112 6.22 -5.08 20.32
C ALA A 112 4.88 -4.89 19.66
N MET A 113 3.79 -5.32 20.31
N MET A 113 3.79 -5.28 20.32
CA MET A 113 2.46 -5.19 19.73
CA MET A 113 2.49 -5.11 19.69
C MET A 113 1.46 -4.78 20.79
C MET A 113 1.46 -4.77 20.76
N ARG A 114 0.57 -3.87 20.42
CA ARG A 114 -0.49 -3.40 21.30
C ARG A 114 -1.83 -3.56 20.61
N ILE A 115 -2.84 -4.01 21.33
CA ILE A 115 -4.23 -3.99 20.87
C ILE A 115 -5.01 -3.13 21.84
N SER A 116 -5.53 -2.00 21.37
CA SER A 116 -6.21 -1.06 22.25
C SER A 116 -7.68 -1.44 22.40
N ASN A 117 -8.37 -0.73 23.30
CA ASN A 117 -9.76 -1.08 23.62
C ASN A 117 -10.66 -0.94 22.40
N THR A 118 -10.28 -0.09 21.45
CA THR A 118 -10.94 0.13 20.17
C THR A 118 -10.79 -1.04 19.21
N GLY A 119 -9.97 -2.04 19.54
CA GLY A 119 -9.57 -3.05 18.58
C GLY A 119 -8.40 -2.65 17.71
N ASN A 120 -7.94 -1.42 17.81
CA ASN A 120 -6.88 -0.94 16.92
C ASN A 120 -5.54 -1.52 17.35
N VAL A 121 -4.74 -1.95 16.36
CA VAL A 121 -3.50 -2.66 16.60
C VAL A 121 -2.33 -1.76 16.26
N GLY A 122 -1.32 -1.73 17.14
CA GLY A 122 -0.08 -1.04 16.85
C GLY A 122 1.09 -1.99 16.90
N ILE A 123 1.94 -1.96 15.89
CA ILE A 123 3.16 -2.74 15.83
C ILE A 123 4.30 -1.73 15.84
N GLY A 124 5.04 -1.69 16.96
CA GLY A 124 6.09 -0.71 17.13
C GLY A 124 5.61 0.64 17.62
N THR A 125 4.31 0.80 17.84
CA THR A 125 3.76 2.03 18.41
C THR A 125 2.68 1.66 19.40
N THR A 126 2.50 2.50 20.42
CA THR A 126 1.38 2.36 21.33
C THR A 126 0.27 3.35 21.02
N THR A 127 0.43 4.20 20.01
CA THR A 127 -0.59 5.16 19.59
C THR A 127 -1.33 4.55 18.41
N THR A 128 -2.48 3.94 18.70
CA THR A 128 -3.18 3.11 17.72
C THR A 128 -4.28 3.91 17.03
N THR A 129 -3.86 4.85 16.18
N THR A 129 -3.87 4.86 16.19
CA THR A 129 -4.81 5.79 15.60
CA THR A 129 -4.84 5.79 15.60
C THR A 129 -5.74 5.12 14.59
C THR A 129 -5.76 5.08 14.63
N GLU A 130 -5.22 4.25 13.73
CA GLU A 130 -6.03 3.52 12.77
C GLU A 130 -6.15 2.05 13.19
N LYS A 131 -6.93 1.28 12.42
CA LYS A 131 -7.17 -0.12 12.78
C LYS A 131 -5.87 -0.92 12.82
N LEU A 132 -4.90 -0.58 11.96
CA LEU A 132 -3.56 -1.15 12.03
C LEU A 132 -2.56 -0.02 11.84
N ASN A 133 -1.53 0.02 12.69
CA ASN A 133 -0.49 1.03 12.66
C ASN A 133 0.84 0.31 12.72
N VAL A 134 1.76 0.65 11.81
CA VAL A 134 3.08 0.02 11.74
C VAL A 134 4.12 1.12 11.79
N GLN A 135 4.95 1.09 12.84
CA GLN A 135 6.05 2.05 12.99
C GLN A 135 7.30 1.41 12.39
N GLY A 136 7.42 1.53 11.07
CA GLY A 136 8.46 0.89 10.31
C GLY A 136 7.98 0.65 8.88
N ASN A 137 8.69 -0.24 8.19
CA ASN A 137 8.33 -0.63 6.83
C ASN A 137 7.48 -1.87 6.85
N VAL A 138 6.81 -2.13 5.73
CA VAL A 138 5.99 -3.33 5.54
C VAL A 138 6.44 -4.00 4.24
N ALA A 139 6.65 -5.32 4.29
CA ALA A 139 7.03 -6.08 3.11
C ALA A 139 5.99 -7.17 2.88
N VAL A 140 5.41 -7.19 1.68
CA VAL A 140 4.34 -8.12 1.32
C VAL A 140 4.79 -8.88 0.08
N SER A 141 4.68 -10.22 0.13
CA SER A 141 5.14 -11.04 -0.99
C SER A 141 4.13 -11.06 -2.13
N GLY A 142 2.85 -10.95 -1.83
CA GLY A 142 1.78 -10.87 -2.81
C GLY A 142 1.32 -9.45 -3.05
N GLU A 143 0.01 -9.29 -3.27
CA GLU A 143 -0.54 -8.01 -3.66
C GLU A 143 -1.45 -7.46 -2.57
N ILE A 144 -1.61 -6.14 -2.58
CA ILE A 144 -2.38 -5.40 -1.58
C ILE A 144 -3.56 -4.74 -2.28
N THR A 145 -4.75 -4.94 -1.73
CA THR A 145 -5.93 -4.23 -2.20
C THR A 145 -6.41 -3.30 -1.09
N SER A 146 -6.82 -2.11 -1.49
CA SER A 146 -7.29 -1.09 -0.56
C SER A 146 -8.02 -0.03 -1.38
N VAL A 147 -8.77 0.82 -0.69
CA VAL A 147 -9.37 1.96 -1.35
C VAL A 147 -8.30 3.02 -1.56
N ARG A 148 -8.19 3.51 -2.79
CA ARG A 148 -7.24 4.61 -3.09
C ARG A 148 -8.03 5.89 -3.36
N SER A 149 -7.55 7.00 -2.82
CA SER A 149 -8.21 8.29 -3.03
C SER A 149 -7.80 8.86 -4.38
N TRP A 150 -8.79 9.17 -5.22
CA TRP A 150 -8.52 9.84 -6.48
C TRP A 150 -9.77 10.61 -6.88
N GLY A 151 -9.58 11.57 -7.77
CA GLY A 151 -10.69 12.39 -8.23
C GLY A 151 -10.39 12.99 -9.57
N ILE A 152 -11.47 13.43 -10.24
CA ILE A 152 -11.37 14.01 -11.57
C ILE A 152 -12.36 15.16 -11.72
N LYS A 153 -12.01 16.09 -12.61
CA LYS A 153 -12.93 17.06 -13.18
C LYS A 153 -13.03 16.78 -14.68
N ARG A 154 -14.22 17.01 -15.24
CA ARG A 154 -14.47 16.71 -16.67
C ARG A 154 -15.29 17.81 -17.34
N GLY A 155 -14.97 18.17 -18.58
CA GLY A 155 -15.79 19.12 -19.35
C GLY A 155 -15.61 20.56 -18.93
N PRO A 156 -14.57 21.27 -19.41
CA PRO A 156 -14.40 22.69 -19.09
C PRO A 156 -15.49 23.47 -19.84
N THR A 157 -16.41 24.11 -19.11
CA THR A 157 -17.52 24.76 -19.78
C THR A 157 -17.42 26.28 -19.82
N SER A 158 -16.64 26.90 -18.92
CA SER A 158 -16.45 28.34 -19.03
C SER A 158 -15.21 28.73 -18.23
N PHE A 159 -14.73 29.94 -18.52
CA PHE A 159 -13.62 30.56 -17.80
C PHE A 159 -14.16 31.33 -16.60
N SER A 160 -13.74 30.94 -15.40
CA SER A 160 -14.20 31.63 -14.20
C SER A 160 -13.28 32.78 -13.83
N ALA A 161 -11.98 32.51 -13.85
CA ALA A 161 -10.95 33.46 -13.48
C ALA A 161 -9.63 32.89 -13.97
N ASN A 162 -8.57 33.69 -13.88
CA ASN A 162 -7.26 33.18 -14.29
C ASN A 162 -6.94 31.87 -13.58
N TYR A 163 -6.56 30.86 -14.38
CA TYR A 163 -6.22 29.51 -13.91
C TYR A 163 -7.37 28.80 -13.23
N ILE A 164 -8.60 29.22 -13.50
CA ILE A 164 -9.78 28.57 -12.92
C ILE A 164 -10.85 28.38 -13.99
N ASN A 165 -10.97 27.17 -14.51
CA ASN A 165 -12.12 26.81 -15.33
C ASN A 165 -13.29 26.40 -14.44
N VAL A 166 -14.50 26.60 -14.95
CA VAL A 166 -15.68 25.88 -14.47
C VAL A 166 -15.73 24.53 -15.18
N TRP A 167 -16.01 23.47 -14.44
CA TRP A 167 -16.06 22.12 -14.98
C TRP A 167 -17.48 21.58 -14.91
N ASN A 168 -17.89 20.86 -15.94
CA ASN A 168 -19.26 20.36 -15.98
C ASN A 168 -19.53 19.39 -14.84
N SER A 169 -18.57 18.52 -14.55
CA SER A 169 -18.80 17.56 -13.47
C SER A 169 -17.48 17.15 -12.86
N GLY A 170 -17.58 16.48 -11.71
CA GLY A 170 -16.44 15.83 -11.10
C GLY A 170 -16.84 14.50 -10.49
N TYR A 171 -15.83 13.76 -10.07
CA TYR A 171 -16.07 12.45 -9.46
C TYR A 171 -14.89 12.13 -8.57
N HIS A 172 -15.14 11.40 -7.48
CA HIS A 172 -13.99 10.99 -6.68
C HIS A 172 -14.32 9.72 -5.93
N VAL A 173 -13.26 9.10 -5.41
CA VAL A 173 -13.33 7.92 -4.56
C VAL A 173 -12.39 8.16 -3.39
N GLY A 174 -12.82 7.71 -2.21
CA GLY A 174 -12.00 7.83 -1.01
C GLY A 174 -12.29 9.09 -0.24
N SER A 175 -11.37 9.39 0.68
CA SER A 175 -11.62 10.40 1.69
C SER A 175 -10.65 11.57 1.64
N SER A 176 -9.70 11.58 0.70
CA SER A 176 -8.65 12.60 0.71
C SER A 176 -8.95 13.76 -0.21
N ILE A 177 -9.88 13.59 -1.14
CA ILE A 177 -10.11 14.53 -2.24
C ILE A 177 -11.60 14.64 -2.50
N ASP A 178 -12.09 15.87 -2.67
CA ASP A 178 -13.49 16.15 -2.97
C ASP A 178 -13.56 16.89 -4.30
N CYS A 179 -13.99 16.21 -5.37
CA CYS A 179 -14.07 16.85 -6.68
C CYS A 179 -15.50 17.16 -7.11
N THR A 180 -16.48 17.07 -6.20
CA THR A 180 -17.86 17.31 -6.59
C THR A 180 -18.50 18.51 -5.92
N THR A 181 -18.02 18.94 -4.76
CA THR A 181 -18.69 20.03 -4.07
C THR A 181 -18.57 21.35 -4.84
N SER A 182 -17.40 21.61 -5.41
CA SER A 182 -17.16 22.87 -6.10
C SER A 182 -17.04 22.61 -7.61
N THR A 183 -17.70 23.45 -8.40
CA THR A 183 -17.56 23.32 -9.85
C THR A 183 -16.22 23.83 -10.36
N THR A 184 -15.44 24.55 -9.55
CA THR A 184 -14.22 25.18 -10.02
C THR A 184 -12.94 24.50 -9.52
N GLY A 185 -13.03 23.37 -8.84
CA GLY A 185 -11.80 22.70 -8.47
C GLY A 185 -12.06 21.48 -7.62
N CYS A 186 -10.96 20.83 -7.24
CA CYS A 186 -10.99 19.69 -6.34
C CYS A 186 -10.43 20.13 -5.00
N ARG A 187 -11.12 19.76 -3.92
CA ARG A 187 -10.70 20.17 -2.58
C ARG A 187 -9.88 19.07 -1.91
N ILE A 188 -8.70 19.42 -1.45
CA ILE A 188 -7.88 18.47 -0.69
C ILE A 188 -8.43 18.40 0.73
N LEU A 189 -8.74 17.19 1.21
CA LEU A 189 -9.34 17.04 2.53
C LEU A 189 -8.36 16.54 3.57
N LYS A 190 -7.20 16.01 3.16
CA LYS A 190 -6.19 15.49 4.06
C LYS A 190 -4.82 15.91 3.56
N ALA A 191 -3.93 16.29 4.47
CA ALA A 191 -2.55 16.51 4.08
C ALA A 191 -2.02 15.25 3.41
N GLY A 192 -1.30 15.44 2.31
CA GLY A 192 -0.77 14.26 1.64
C GLY A 192 0.00 14.68 0.40
N THR A 193 0.46 13.67 -0.34
CA THR A 193 1.17 13.89 -1.59
C THR A 193 0.24 13.55 -2.75
N TYR A 194 0.22 14.42 -3.76
CA TYR A 194 -0.74 14.29 -4.84
C TYR A 194 -0.07 14.44 -6.20
N GLU A 195 -0.54 13.64 -7.15
CA GLU A 195 -0.10 13.69 -8.54
C GLU A 195 -1.26 14.16 -9.38
N ILE A 196 -1.07 15.23 -10.16
CA ILE A 196 -2.16 15.93 -10.83
C ILE A 196 -1.78 16.18 -12.29
N ARG A 197 -2.71 15.91 -13.20
CA ARG A 197 -2.53 16.27 -14.61
C ARG A 197 -3.80 16.91 -15.11
N CYS A 198 -3.64 18.04 -15.77
CA CYS A 198 -4.74 18.78 -16.37
C CYS A 198 -4.47 18.92 -17.86
N VAL A 199 -5.48 18.63 -18.69
CA VAL A 199 -5.34 18.79 -20.13
C VAL A 199 -6.56 19.53 -20.65
N GLN A 200 -6.35 20.30 -21.72
CA GLN A 200 -7.46 20.94 -22.42
C GLN A 200 -7.12 21.08 -23.90
N ARG A 201 -8.16 20.97 -24.75
CA ARG A 201 -8.01 21.09 -26.19
C ARG A 201 -7.85 22.54 -26.64
N ALA A 202 -6.93 22.74 -27.57
CA ALA A 202 -6.87 23.99 -28.31
C ALA A 202 -8.06 24.11 -29.26
N GLY A 203 -8.55 25.34 -29.42
CA GLY A 203 -9.58 25.66 -30.40
C GLY A 203 -9.01 25.80 -31.79
N THR A 204 -9.65 26.66 -32.60
CA THR A 204 -9.33 26.74 -34.03
C THR A 204 -8.69 28.07 -34.44
N SER A 205 -8.14 28.83 -33.49
CA SER A 205 -7.52 30.12 -33.82
C SER A 205 -6.14 29.98 -34.42
N GLY A 206 -5.47 28.85 -34.18
CA GLY A 206 -4.07 28.71 -34.52
C GLY A 206 -3.11 29.41 -33.60
N ASN A 207 -3.59 30.12 -32.58
CA ASN A 207 -2.71 30.81 -31.64
C ASN A 207 -2.17 29.83 -30.59
N SER A 208 -1.05 30.21 -29.99
CA SER A 208 -0.49 29.40 -28.91
C SER A 208 -1.37 29.50 -27.67
N VAL A 209 -1.69 28.34 -27.07
CA VAL A 209 -2.52 28.30 -25.86
C VAL A 209 -1.86 27.41 -24.82
N TYR A 210 -2.21 27.66 -23.55
CA TYR A 210 -1.84 26.75 -22.47
C TYR A 210 -2.82 26.88 -21.32
N VAL A 211 -2.80 25.85 -20.45
CA VAL A 211 -3.49 25.87 -19.17
C VAL A 211 -2.46 25.60 -18.09
N GLY A 212 -2.81 25.95 -16.86
CA GLY A 212 -1.98 25.65 -15.71
C GLY A 212 -2.83 25.24 -14.52
N ILE A 213 -2.25 24.32 -13.71
CA ILE A 213 -2.79 23.95 -12.41
C ILE A 213 -2.45 25.05 -11.40
N ALA A 214 -3.39 25.35 -10.50
CA ALA A 214 -3.17 26.43 -9.55
C ALA A 214 -3.83 26.11 -8.21
N LEU A 215 -3.42 26.86 -7.20
CA LEU A 215 -4.04 26.81 -5.88
C LEU A 215 -5.07 27.92 -5.80
N ASN A 216 -6.34 27.57 -5.99
CA ASN A 216 -7.41 28.58 -6.04
C ASN A 216 -7.04 29.73 -6.98
N GLY A 217 -6.57 29.39 -8.18
CA GLY A 217 -6.20 30.38 -9.17
C GLY A 217 -4.80 30.93 -9.05
N ASP A 218 -4.10 30.67 -7.95
CA ASP A 218 -2.75 31.15 -7.72
C ASP A 218 -1.76 30.10 -8.23
N ARG A 219 -1.20 30.34 -9.41
CA ARG A 219 -0.23 29.41 -9.97
C ARG A 219 1.09 29.48 -9.22
N THR A 220 1.54 30.68 -8.89
CA THR A 220 2.83 30.85 -8.22
C THR A 220 2.88 30.11 -6.89
N ALA A 221 1.76 30.03 -6.18
CA ALA A 221 1.76 29.35 -4.88
C ALA A 221 2.17 27.89 -5.01
N LEU A 222 1.97 27.28 -6.17
CA LEU A 222 2.46 25.92 -6.40
C LEU A 222 3.82 25.94 -7.08
N GLU A 223 3.93 26.70 -8.18
CA GLU A 223 5.11 26.64 -9.04
C GLU A 223 6.38 27.08 -8.33
N SER A 224 6.29 28.01 -7.37
CA SER A 224 7.49 28.56 -6.74
C SER A 224 8.08 27.66 -5.66
N ARG A 225 7.46 26.53 -5.37
CA ARG A 225 7.90 25.69 -4.26
C ARG A 225 9.06 24.79 -4.69
N ASN A 226 10.07 24.67 -3.82
N ASN A 226 10.07 24.68 -3.83
CA ASN A 226 11.24 23.86 -4.16
CA ASN A 226 11.22 23.86 -4.17
C ASN A 226 11.02 22.38 -3.89
C ASN A 226 11.02 22.38 -3.90
N ASP A 227 9.85 21.97 -3.38
CA ASP A 227 9.58 20.57 -3.09
C ASP A 227 8.52 19.96 -4.00
N VAL A 228 8.22 20.58 -5.16
CA VAL A 228 7.19 20.06 -6.06
C VAL A 228 7.69 20.06 -7.49
N LEU A 229 7.01 19.26 -8.30
CA LEU A 229 7.04 19.40 -9.74
C LEU A 229 5.84 20.23 -10.16
N TRP A 230 6.07 21.22 -11.03
CA TRP A 230 5.00 22.00 -11.67
C TRP A 230 5.45 22.30 -13.09
N ASN A 231 4.67 21.90 -14.08
CA ASN A 231 5.05 22.23 -15.45
C ASN A 231 3.79 22.49 -16.28
N HIS A 232 4.01 22.98 -17.50
CA HIS A 232 2.94 23.09 -18.51
C HIS A 232 3.56 23.26 -19.89
N SER A 233 2.83 22.84 -20.91
CA SER A 233 3.22 22.97 -22.31
C SER A 233 2.29 23.95 -23.01
N HIS A 234 2.74 24.37 -24.20
CA HIS A 234 1.93 25.08 -25.18
C HIS A 234 1.47 24.13 -26.28
N THR A 235 0.37 24.50 -26.94
CA THR A 235 -0.04 23.83 -28.17
C THR A 235 -0.83 24.81 -29.01
N ALA A 236 -1.02 24.45 -30.27
CA ALA A 236 -1.86 25.26 -31.15
C ALA A 236 -2.77 24.44 -32.06
N TYR A 237 -2.43 23.20 -32.38
CA TYR A 237 -3.22 22.43 -33.32
C TYR A 237 -4.62 22.17 -32.76
N SER A 238 -5.63 22.38 -33.59
CA SER A 238 -7.01 22.26 -33.11
C SER A 238 -7.29 20.82 -32.70
N GLY A 239 -7.74 20.64 -31.45
CA GLY A 239 -7.98 19.30 -30.93
C GLY A 239 -6.82 18.69 -30.17
N SER A 240 -5.63 19.29 -30.24
CA SER A 240 -4.51 18.81 -29.45
C SER A 240 -4.59 19.37 -28.03
N TYR A 241 -3.84 18.73 -27.15
CA TYR A 241 -3.92 19.14 -25.75
C TYR A 241 -2.74 19.97 -25.29
N THR A 242 -3.05 21.01 -24.51
CA THR A 242 -1.99 21.67 -23.73
C THR A 242 -2.08 20.96 -22.38
N GLU A 243 -0.95 20.73 -21.73
CA GLU A 243 -1.02 19.99 -20.46
C GLU A 243 -0.28 20.71 -19.35
N SER A 244 -0.76 20.48 -18.13
CA SER A 244 -0.04 20.96 -16.95
C SER A 244 0.03 19.82 -15.94
N ASN A 245 1.13 19.76 -15.20
CA ASN A 245 1.34 18.67 -14.24
C ASN A 245 1.83 19.23 -12.92
N PHE A 246 1.42 18.53 -11.86
CA PHE A 246 1.88 18.82 -10.51
C PHE A 246 2.17 17.54 -9.76
N MET A 247 3.23 17.55 -8.95
N MET A 247 3.24 17.54 -8.97
CA MET A 247 3.49 16.45 -8.04
CA MET A 247 3.41 16.45 -8.02
C MET A 247 4.06 17.02 -6.76
C MET A 247 4.07 16.99 -6.76
N GLY A 248 3.48 16.67 -5.63
CA GLY A 248 4.02 17.14 -4.36
C GLY A 248 2.95 17.16 -3.31
N THR A 249 3.35 17.63 -2.12
CA THR A 249 2.41 17.66 -1.00
C THR A 249 1.46 18.85 -1.10
N LEU A 250 0.24 18.62 -0.62
CA LEU A 250 -0.78 19.66 -0.50
C LEU A 250 -1.36 19.61 0.90
N SER A 251 -1.96 20.75 1.26
CA SER A 251 -2.54 21.00 2.58
C SER A 251 -4.05 20.79 2.56
N ALA A 252 -4.59 20.33 3.67
CA ALA A 252 -6.07 20.20 3.76
C ALA A 252 -6.74 21.55 3.49
N ASN A 253 -7.89 21.53 2.81
CA ASN A 253 -8.66 22.78 2.53
C ASN A 253 -8.18 23.42 1.22
N ASP A 254 -7.08 22.95 0.63
CA ASP A 254 -6.56 23.49 -0.65
C ASP A 254 -7.56 23.24 -1.77
N LEU A 255 -7.94 24.29 -2.51
CA LEU A 255 -8.77 24.09 -3.69
C LEU A 255 -7.86 24.09 -4.92
N ILE A 256 -7.74 22.95 -5.59
CA ILE A 256 -6.89 22.86 -6.76
C ILE A 256 -7.73 23.16 -7.99
N THR A 257 -7.29 24.13 -8.79
CA THR A 257 -7.99 24.58 -9.99
C THR A 257 -7.09 24.36 -11.20
N CYS A 258 -7.68 24.51 -12.38
CA CYS A 258 -6.87 24.50 -13.59
C CYS A 258 -7.57 25.32 -14.66
N GLY A 259 -6.80 26.07 -15.45
CA GLY A 259 -7.43 26.84 -16.50
C GLY A 259 -6.45 27.70 -17.26
N ALA A 260 -7.00 28.51 -18.15
CA ALA A 260 -6.21 29.43 -18.95
C ALA A 260 -5.63 30.55 -18.10
N PRO A 261 -4.47 31.10 -18.47
CA PRO A 261 -3.88 32.19 -17.67
C PRO A 261 -4.64 33.50 -17.74
N VAL A 262 -5.46 33.72 -18.77
CA VAL A 262 -6.12 35.01 -18.94
C VAL A 262 -7.29 34.83 -19.91
N ASN A 263 -8.24 35.77 -19.88
CA ASN A 263 -9.51 35.55 -20.57
C ASN A 263 -9.33 35.44 -22.09
N THR A 264 -8.42 36.25 -22.66
CA THR A 264 -8.27 36.21 -24.11
C THR A 264 -7.65 34.90 -24.56
N MET A 265 -6.90 34.22 -23.69
CA MET A 265 -6.40 32.91 -24.09
C MET A 265 -7.47 31.85 -23.91
N ALA A 266 -8.34 32.00 -22.91
CA ALA A 266 -9.47 31.07 -22.79
C ALA A 266 -10.33 31.11 -24.04
N ALA A 267 -10.44 32.28 -24.69
CA ALA A 267 -11.20 32.36 -25.95
C ALA A 267 -10.67 31.39 -27.01
N ASP A 268 -9.41 30.97 -26.90
CA ASP A 268 -8.75 30.14 -27.91
C ASP A 268 -8.67 28.68 -27.49
N LEU A 269 -9.25 28.32 -26.34
CA LEU A 269 -9.35 26.94 -25.88
C LEU A 269 -10.78 26.46 -26.10
N VAL A 270 -10.97 25.13 -26.12
CA VAL A 270 -12.29 24.54 -26.32
C VAL A 270 -12.99 24.42 -24.98
N TYR A 271 -14.15 25.06 -24.85
CA TYR A 271 -15.01 24.89 -23.68
C TYR A 271 -16.30 24.20 -24.14
N ALA A 272 -16.53 23.00 -23.62
CA ALA A 272 -17.68 22.18 -23.99
C ALA A 272 -17.76 21.01 -23.01
N VAL A 273 -18.91 20.36 -22.97
CA VAL A 273 -19.24 19.38 -21.93
C VAL A 273 -18.43 18.08 -22.03
N PRO A 274 -18.22 17.48 -23.20
CA PRO A 274 -17.54 16.18 -23.23
C PRO A 274 -16.15 16.22 -22.61
N ALA A 275 -15.86 15.17 -21.83
CA ALA A 275 -14.58 15.09 -21.12
C ALA A 275 -13.39 15.11 -22.06
N TYR A 276 -13.56 14.65 -23.31
CA TYR A 276 -12.38 14.67 -24.18
C TYR A 276 -11.89 16.09 -24.44
N ASN A 277 -12.72 17.11 -24.18
CA ASN A 277 -12.27 18.49 -24.36
C ASN A 277 -11.36 18.95 -23.23
N GLY A 278 -11.41 18.30 -22.07
CA GLY A 278 -10.52 18.69 -20.99
C GLY A 278 -10.86 17.98 -19.71
N THR A 279 -9.82 17.65 -18.95
CA THR A 279 -10.00 16.97 -17.67
C THR A 279 -8.89 17.36 -16.72
N MET A 280 -9.17 17.22 -15.43
N MET A 280 -9.21 17.23 -15.43
CA MET A 280 -8.13 17.23 -14.42
CA MET A 280 -8.23 17.22 -14.34
C MET A 280 -8.23 15.93 -13.64
C MET A 280 -8.26 15.84 -13.70
N GLN A 281 -7.08 15.30 -13.39
CA GLN A 281 -7.00 14.04 -12.65
C GLN A 281 -6.05 14.23 -11.49
N ILE A 282 -6.49 13.84 -10.29
CA ILE A 282 -5.73 13.96 -9.06
C ILE A 282 -5.69 12.58 -8.42
N LYS A 283 -4.51 12.12 -8.05
CA LYS A 283 -4.34 10.87 -7.33
C LYS A 283 -3.58 11.14 -6.06
N ARG A 284 -4.04 10.57 -4.94
CA ARG A 284 -3.20 10.58 -3.76
C ARG A 284 -2.10 9.54 -3.92
N VAL A 285 -0.86 9.96 -3.71
CA VAL A 285 0.30 9.10 -3.93
C VAL A 285 0.63 8.28 -2.69
N ASP A 286 0.50 8.86 -1.51
CA ASP A 286 0.97 8.24 -0.29
C ASP A 286 -0.21 7.94 0.62
N ASN B 29 -5.06 -19.47 44.30
CA ASN B 29 -6.29 -18.63 44.35
C ASN B 29 -5.87 -17.15 44.40
N ARG B 30 -4.97 -16.79 45.33
CA ARG B 30 -4.46 -15.39 45.34
C ARG B 30 -3.00 -15.42 44.92
N ASP B 31 -2.42 -16.62 44.86
CA ASP B 31 -0.97 -16.74 44.61
C ASP B 31 -0.65 -16.87 43.13
N ASP B 32 0.43 -16.22 42.73
CA ASP B 32 0.92 -16.39 41.34
C ASP B 32 1.19 -17.86 41.08
N LEU B 33 0.93 -18.31 39.86
CA LEU B 33 1.22 -19.68 39.45
C LEU B 33 2.55 -19.69 38.74
N ASN B 34 3.50 -20.48 39.24
CA ASN B 34 4.82 -20.60 38.65
C ASN B 34 5.01 -21.99 38.07
N ILE B 35 5.63 -22.03 36.90
CA ILE B 35 6.09 -23.28 36.29
C ILE B 35 7.57 -23.09 35.96
N ARG B 36 8.40 -23.90 36.60
CA ARG B 36 9.86 -23.77 36.51
C ARG B 36 10.42 -25.05 35.92
N THR B 37 11.28 -24.91 34.92
CA THR B 37 11.93 -26.06 34.31
C THR B 37 13.42 -25.81 34.21
N TYR B 38 14.20 -26.79 34.62
CA TYR B 38 15.64 -26.79 34.45
C TYR B 38 16.01 -27.83 33.39
N GLY B 39 17.25 -27.79 33.00
CA GLY B 39 17.79 -28.87 32.19
C GLY B 39 17.91 -28.52 30.72
N ALA B 40 18.36 -29.54 29.99
CA ALA B 40 18.85 -29.41 28.63
C ALA B 40 17.76 -29.55 27.57
N THR B 41 16.64 -30.19 27.88
CA THR B 41 15.70 -30.58 26.84
C THR B 41 14.24 -30.22 27.09
N GLU B 42 13.80 -29.97 28.32
CA GLU B 42 12.39 -29.80 28.61
C GLU B 42 12.03 -28.33 28.81
N THR B 43 10.72 -28.06 28.85
CA THR B 43 10.24 -26.68 28.97
C THR B 43 8.97 -26.66 29.82
N SER B 44 8.62 -25.45 30.27
CA SER B 44 7.43 -25.24 31.08
C SER B 44 6.21 -25.03 30.19
N SER B 45 5.12 -25.78 30.44
CA SER B 45 3.89 -25.60 29.67
C SER B 45 2.67 -25.53 30.56
N LEU B 46 1.78 -24.57 30.26
CA LEU B 46 0.39 -24.62 30.67
C LEU B 46 -0.38 -25.27 29.53
N ILE B 47 -1.08 -26.37 29.82
CA ILE B 47 -1.78 -27.15 28.80
C ILE B 47 -3.27 -27.15 29.11
N MET B 48 -4.08 -26.76 28.14
CA MET B 48 -5.53 -26.77 28.29
C MET B 48 -6.10 -27.77 27.30
N LEU B 49 -6.87 -28.73 27.81
CA LEU B 49 -7.41 -29.82 27.01
C LEU B 49 -8.94 -29.78 27.05
N ARG B 50 -9.55 -30.09 25.90
CA ARG B 50 -10.99 -30.10 25.76
C ARG B 50 -11.43 -31.37 25.04
N ALA B 51 -12.43 -32.04 25.60
CA ALA B 51 -13.17 -33.08 24.89
C ALA B 51 -14.65 -32.87 25.16
N ARG B 52 -15.49 -33.54 24.38
CA ARG B 52 -16.95 -33.46 24.66
C ARG B 52 -17.33 -34.69 25.50
N GLY B 53 -18.60 -34.82 25.84
CA GLY B 53 -19.08 -35.98 26.64
C GLY B 53 -18.51 -35.97 28.04
N THR B 54 -17.95 -37.10 28.47
CA THR B 54 -17.39 -37.23 29.85
C THR B 54 -16.03 -37.95 29.75
N PRO B 58 -15.68 -40.18 26.48
CA PRO B 58 -15.13 -38.96 25.86
C PRO B 58 -15.65 -38.77 24.43
N ALA B 59 -15.92 -37.52 24.03
CA ALA B 59 -16.48 -37.25 22.68
C ALA B 59 -15.56 -36.24 21.98
N ALA B 60 -15.38 -36.38 20.66
CA ALA B 60 -14.46 -35.52 19.93
C ALA B 60 -14.94 -34.07 19.93
N VAL B 61 -13.97 -33.15 19.90
CA VAL B 61 -14.29 -31.74 19.87
C VAL B 61 -15.11 -31.42 18.62
N GLN B 62 -16.08 -30.53 18.76
CA GLN B 62 -16.96 -30.13 17.68
C GLN B 62 -16.72 -28.68 17.29
N THR B 63 -17.10 -28.33 16.06
CA THR B 63 -16.89 -26.97 15.57
C THR B 63 -17.52 -25.97 16.52
N GLY B 64 -16.77 -24.91 16.82
CA GLY B 64 -17.22 -23.89 17.74
C GLY B 64 -16.89 -24.15 19.20
N ASP B 65 -16.44 -25.36 19.54
CA ASP B 65 -16.00 -25.64 20.91
C ASP B 65 -14.72 -24.90 21.24
N ARG B 66 -14.68 -24.33 22.44
CA ARG B 66 -13.47 -23.69 22.93
C ARG B 66 -12.55 -24.77 23.49
N LEU B 67 -11.30 -24.80 23.01
CA LEU B 67 -10.30 -25.70 23.56
C LEU B 67 -9.79 -25.20 24.90
N GLY B 68 -9.61 -23.89 25.01
CA GLY B 68 -9.21 -23.28 26.26
C GLY B 68 -9.09 -21.80 26.05
N GLY B 69 -8.77 -21.10 27.14
CA GLY B 69 -8.61 -19.66 27.07
C GLY B 69 -7.83 -19.15 28.25
N VAL B 70 -7.05 -18.10 28.01
CA VAL B 70 -6.53 -17.24 29.06
C VAL B 70 -7.45 -16.04 29.15
N LEU B 71 -8.12 -15.90 30.30
CA LEU B 71 -9.15 -14.90 30.49
C LEU B 71 -8.69 -13.90 31.55
N PHE B 72 -8.89 -12.62 31.26
CA PHE B 72 -8.63 -11.55 32.21
C PHE B 72 -9.96 -10.93 32.65
N ARG B 73 -10.10 -10.67 33.96
CA ARG B 73 -11.33 -10.10 34.47
C ARG B 73 -10.99 -9.04 35.50
N GLY B 74 -11.82 -8.00 35.55
CA GLY B 74 -11.56 -6.90 36.47
C GLY B 74 -12.82 -6.40 37.12
N TRP B 75 -12.75 -6.13 38.43
CA TRP B 75 -13.92 -5.65 39.16
C TRP B 75 -14.26 -4.21 38.74
N ASN B 76 -15.53 -3.97 38.40
CA ASN B 76 -15.97 -2.64 38.01
C ASN B 76 -16.84 -1.98 39.06
N GLY B 77 -16.98 -2.64 40.22
CA GLY B 77 -17.86 -2.13 41.29
C GLY B 77 -19.12 -2.96 41.39
N THR B 78 -19.45 -3.70 40.32
CA THR B 78 -20.69 -4.50 40.29
C THR B 78 -20.36 -5.96 39.93
N ALA B 79 -19.31 -6.16 39.13
CA ALA B 79 -19.04 -7.54 38.67
C ALA B 79 -17.62 -7.71 38.15
N TRP B 80 -17.19 -8.96 38.00
CA TRP B 80 -15.90 -9.25 37.38
C TRP B 80 -16.10 -9.19 35.87
N MET B 81 -15.72 -8.07 35.27
CA MET B 81 -15.98 -7.81 33.85
C MET B 81 -14.86 -8.33 32.98
N GLY B 82 -15.24 -8.88 31.83
CA GLY B 82 -14.31 -9.34 30.82
C GLY B 82 -13.34 -8.25 30.43
N SER B 83 -12.05 -8.53 30.59
CA SER B 83 -11.01 -7.53 30.41
C SER B 83 -9.93 -8.04 29.48
N GLY B 84 -10.34 -8.73 28.44
CA GLY B 84 -9.42 -9.28 27.48
C GLY B 84 -9.34 -10.78 27.60
N GLN B 85 -9.05 -11.44 26.48
CA GLN B 85 -8.88 -12.88 26.56
C GLN B 85 -8.20 -13.36 25.31
N ILE B 86 -7.55 -14.51 25.42
CA ILE B 86 -6.96 -15.20 24.29
C ILE B 86 -7.56 -16.59 24.24
N LEU B 87 -8.26 -16.90 23.17
CA LEU B 87 -9.04 -18.13 23.07
C LEU B 87 -8.50 -18.99 21.93
N SER B 88 -8.58 -20.30 22.11
CA SER B 88 -8.43 -21.26 21.03
C SER B 88 -9.77 -21.92 20.80
N VAL B 89 -10.25 -21.88 19.55
CA VAL B 89 -11.61 -22.36 19.24
C VAL B 89 -11.58 -23.27 18.02
N ALA B 90 -12.31 -24.38 18.09
CA ALA B 90 -12.37 -25.30 16.98
C ALA B 90 -13.16 -24.70 15.81
N GLU B 91 -12.62 -24.85 14.61
CA GLU B 91 -13.26 -24.39 13.37
C GLU B 91 -13.82 -25.55 12.57
N GLU B 92 -13.71 -26.77 13.07
CA GLU B 92 -14.24 -27.95 12.39
C GLU B 92 -14.38 -29.05 13.43
N ASN B 93 -15.21 -30.04 13.09
CA ASN B 93 -15.31 -31.23 13.93
C ASN B 93 -14.01 -32.03 13.83
N PHE B 94 -13.40 -32.34 14.98
CA PHE B 94 -12.08 -32.98 14.97
C PHE B 94 -12.08 -34.37 14.35
N THR B 95 -13.21 -35.08 14.30
CA THR B 95 -13.20 -36.33 13.56
C THR B 95 -13.05 -36.09 12.06
N THR B 96 -13.48 -34.92 11.57
CA THR B 96 -13.24 -34.53 10.19
C THR B 96 -11.82 -33.98 10.01
N ALA B 97 -11.47 -32.95 10.77
CA ALA B 97 -10.15 -32.33 10.66
C ALA B 97 -9.90 -31.48 11.89
N VAL B 98 -8.62 -31.42 12.29
CA VAL B 98 -8.19 -30.58 13.40
C VAL B 98 -7.90 -29.19 12.83
N LYS B 99 -8.87 -28.30 12.95
CA LYS B 99 -8.73 -26.92 12.51
C LYS B 99 -9.16 -26.01 13.65
N THR B 100 -8.31 -25.07 14.03
CA THR B 100 -8.63 -24.15 15.12
C THR B 100 -8.27 -22.72 14.72
N ASN B 101 -8.86 -21.78 15.45
CA ASN B 101 -8.45 -20.39 15.37
C ASN B 101 -8.00 -19.91 16.74
N LEU B 102 -7.19 -18.86 16.72
CA LEU B 102 -6.79 -18.12 17.91
C LEU B 102 -7.51 -16.78 17.88
N GLN B 103 -8.09 -16.36 19.00
CA GLN B 103 -8.82 -15.10 19.08
C GLN B 103 -8.25 -14.23 20.18
N PHE B 104 -8.11 -12.95 19.88
CA PHE B 104 -7.61 -11.94 20.81
C PHE B 104 -8.73 -10.91 21.01
N HIS B 105 -9.24 -10.85 22.24
CA HIS B 105 -10.32 -9.96 22.65
C HIS B 105 -9.81 -8.94 23.64
N VAL B 106 -10.40 -7.75 23.59
CA VAL B 106 -10.12 -6.69 24.56
C VAL B 106 -11.42 -6.22 25.19
N GLY B 107 -11.30 -5.65 26.39
CA GLY B 107 -12.41 -4.98 27.02
C GLY B 107 -12.77 -3.73 26.24
N GLY B 108 -14.00 -3.65 25.76
CA GLY B 108 -14.40 -2.55 24.91
C GLY B 108 -14.91 -3.10 23.60
N ALA B 109 -14.02 -3.27 22.62
CA ALA B 109 -14.41 -3.72 21.30
C ALA B 109 -14.78 -5.19 21.25
N GLY B 110 -14.31 -5.99 22.20
CA GLY B 110 -14.53 -7.43 22.09
C GLY B 110 -13.45 -8.08 21.23
N GLU B 111 -13.84 -8.97 20.32
CA GLU B 111 -12.81 -9.62 19.51
C GLU B 111 -12.15 -8.60 18.61
N ALA B 112 -10.82 -8.53 18.68
CA ALA B 112 -10.04 -7.59 17.90
C ALA B 112 -9.23 -8.25 16.81
N MET B 113 -8.76 -9.47 17.04
CA MET B 113 -7.91 -10.10 16.04
C MET B 113 -8.13 -11.60 16.06
N ARG B 114 -8.19 -12.20 14.89
CA ARG B 114 -8.38 -13.62 14.71
C ARG B 114 -7.27 -14.19 13.83
N ILE B 115 -6.77 -15.37 14.18
CA ILE B 115 -5.86 -16.15 13.33
C ILE B 115 -6.58 -17.45 13.02
N SER B 116 -6.95 -17.65 11.76
CA SER B 116 -7.73 -18.81 11.35
C SER B 116 -6.82 -20.02 11.14
N ASN B 117 -7.44 -21.19 10.93
CA ASN B 117 -6.69 -22.43 10.82
C ASN B 117 -5.78 -22.42 9.60
N THR B 118 -6.06 -21.55 8.63
CA THR B 118 -5.25 -21.33 7.44
C THR B 118 -4.00 -20.52 7.74
N GLY B 119 -3.89 -19.98 8.95
CA GLY B 119 -2.91 -18.99 9.26
C GLY B 119 -3.32 -17.58 8.90
N ASN B 120 -4.46 -17.40 8.22
CA ASN B 120 -4.86 -16.07 7.79
C ASN B 120 -5.35 -15.24 8.98
N VAL B 121 -4.96 -13.96 8.99
CA VAL B 121 -5.16 -13.06 10.12
C VAL B 121 -6.22 -12.02 9.76
N GLY B 122 -7.18 -11.83 10.66
CA GLY B 122 -8.15 -10.76 10.53
C GLY B 122 -8.03 -9.77 11.68
N ILE B 123 -8.00 -8.48 11.36
CA ILE B 123 -8.01 -7.41 12.35
C ILE B 123 -9.27 -6.60 12.09
N GLY B 124 -10.21 -6.66 13.03
CA GLY B 124 -11.50 -6.01 12.87
C GLY B 124 -12.50 -6.77 12.03
N THR B 125 -12.15 -8.00 11.62
CA THR B 125 -13.02 -8.87 10.85
C THR B 125 -12.73 -10.32 11.21
N THR B 126 -13.75 -11.17 11.12
CA THR B 126 -13.55 -12.61 11.24
C THR B 126 -13.48 -13.30 9.88
N THR B 127 -13.65 -12.56 8.79
CA THR B 127 -13.60 -13.12 7.45
C THR B 127 -12.15 -13.01 6.99
N THR B 128 -11.41 -14.12 7.01
CA THR B 128 -9.96 -14.09 6.80
C THR B 128 -9.60 -14.63 5.43
N THR B 129 -10.00 -13.90 4.38
CA THR B 129 -9.85 -14.37 3.01
C THR B 129 -8.39 -14.41 2.58
N GLU B 130 -7.63 -13.36 2.88
CA GLU B 130 -6.23 -13.30 2.50
C GLU B 130 -5.36 -13.52 3.74
N LYS B 131 -4.04 -13.52 3.54
CA LYS B 131 -3.14 -13.76 4.67
C LYS B 131 -3.28 -12.70 5.75
N LEU B 132 -3.52 -11.44 5.37
CA LEU B 132 -3.84 -10.39 6.32
C LEU B 132 -5.04 -9.61 5.79
N ASN B 133 -6.04 -9.41 6.66
CA ASN B 133 -7.26 -8.68 6.32
C ASN B 133 -7.51 -7.64 7.40
N VAL B 134 -7.67 -6.38 7.02
CA VAL B 134 -7.87 -5.29 7.96
C VAL B 134 -9.17 -4.58 7.62
N GLN B 135 -10.08 -4.52 8.57
CA GLN B 135 -11.37 -3.86 8.38
C GLN B 135 -11.24 -2.47 8.99
N GLY B 136 -10.76 -1.54 8.18
CA GLY B 136 -10.40 -0.22 8.61
C GLY B 136 -9.27 0.30 7.74
N ASN B 137 -8.61 1.34 8.23
CA ASN B 137 -7.45 1.90 7.55
C ASN B 137 -6.17 1.32 8.13
N VAL B 138 -5.07 1.49 7.38
CA VAL B 138 -3.72 1.11 7.80
C VAL B 138 -2.81 2.34 7.68
N ALA B 139 -2.07 2.64 8.74
CA ALA B 139 -1.10 3.73 8.73
C ALA B 139 0.29 3.15 8.93
N VAL B 140 1.17 3.42 7.97
CA VAL B 140 2.53 2.91 7.98
C VAL B 140 3.48 4.10 7.98
N SER B 141 4.41 4.13 8.94
CA SER B 141 5.30 5.28 9.04
C SER B 141 6.41 5.24 8.01
N GLY B 142 6.81 4.05 7.59
CA GLY B 142 7.82 3.83 6.56
C GLY B 142 7.21 3.54 5.21
N GLU B 143 7.87 2.67 4.44
CA GLU B 143 7.47 2.37 3.08
C GLU B 143 6.97 0.94 2.98
N ILE B 144 6.13 0.68 1.97
CA ILE B 144 5.52 -0.62 1.73
C ILE B 144 6.03 -1.17 0.41
N THR B 145 6.52 -2.40 0.40
CA THR B 145 6.82 -3.12 -0.83
C THR B 145 5.82 -4.25 -1.03
N SER B 146 5.43 -4.47 -2.28
CA SER B 146 4.46 -5.51 -2.66
C SER B 146 4.51 -5.70 -4.16
N VAL B 147 3.85 -6.75 -4.64
CA VAL B 147 3.61 -6.93 -6.08
C VAL B 147 2.48 -6.00 -6.52
N ARG B 148 2.76 -5.17 -7.52
CA ARG B 148 1.75 -4.33 -8.13
C ARG B 148 1.40 -4.86 -9.50
N SER B 149 0.11 -4.93 -9.81
CA SER B 149 -0.32 -5.36 -11.12
C SER B 149 -0.25 -4.23 -12.13
N TRP B 150 0.37 -4.51 -13.28
CA TRP B 150 0.38 -3.57 -14.39
C TRP B 150 0.63 -4.37 -15.66
N GLY B 151 0.31 -3.77 -16.80
CA GLY B 151 0.45 -4.44 -18.06
C GLY B 151 0.64 -3.43 -19.17
N ILE B 152 1.28 -3.86 -20.25
CA ILE B 152 1.54 -3.00 -21.41
C ILE B 152 1.31 -3.76 -22.70
N LYS B 153 0.95 -2.99 -23.74
CA LYS B 153 0.96 -3.42 -25.13
C LYS B 153 1.96 -2.52 -25.84
N ARG B 154 2.71 -3.09 -26.80
CA ARG B 154 3.75 -2.37 -27.53
C ARG B 154 3.68 -2.68 -29.02
N GLY B 155 3.82 -1.61 -29.82
CA GLY B 155 4.05 -1.74 -31.24
C GLY B 155 2.79 -2.04 -32.02
N PRO B 156 2.02 -0.99 -32.37
CA PRO B 156 0.79 -1.23 -33.12
C PRO B 156 1.11 -1.64 -34.54
N THR B 157 0.78 -2.87 -34.94
CA THR B 157 1.21 -3.33 -36.25
C THR B 157 0.09 -3.39 -37.27
N SER B 158 -1.17 -3.41 -36.87
CA SER B 158 -2.24 -3.26 -37.84
C SER B 158 -3.53 -2.86 -37.14
N PHE B 159 -4.49 -2.41 -37.94
CA PHE B 159 -5.83 -2.06 -37.52
C PHE B 159 -6.66 -3.33 -37.53
N SER B 160 -7.24 -3.68 -36.38
CA SER B 160 -8.10 -4.85 -36.29
C SER B 160 -9.58 -4.51 -36.43
N ALA B 161 -10.03 -3.50 -35.69
CA ALA B 161 -11.39 -3.01 -35.74
C ALA B 161 -11.37 -1.59 -35.18
N ASN B 162 -12.51 -0.91 -35.25
CA ASN B 162 -12.64 0.39 -34.62
C ASN B 162 -12.18 0.30 -33.17
N TYR B 163 -11.23 1.16 -32.79
CA TYR B 163 -10.64 1.23 -31.46
C TYR B 163 -9.96 -0.06 -31.04
N ILE B 164 -9.52 -0.89 -31.99
CA ILE B 164 -8.77 -2.12 -31.69
C ILE B 164 -7.56 -2.20 -32.64
N ASN B 165 -6.37 -1.91 -32.13
CA ASN B 165 -5.14 -2.26 -32.82
C ASN B 165 -4.74 -3.69 -32.51
N VAL B 166 -4.06 -4.32 -33.46
CA VAL B 166 -3.20 -5.47 -33.17
C VAL B 166 -1.87 -4.94 -32.66
N TRP B 167 -1.37 -5.50 -31.55
CA TRP B 167 -0.11 -5.08 -30.95
C TRP B 167 0.94 -6.17 -31.11
N ASN B 168 2.19 -5.76 -31.34
CA ASN B 168 3.24 -6.75 -31.59
C ASN B 168 3.55 -7.57 -30.35
N SER B 169 3.49 -6.96 -29.17
CA SER B 169 3.76 -7.75 -27.98
C SER B 169 3.10 -7.10 -26.78
N GLY B 170 3.01 -7.89 -25.71
CA GLY B 170 2.53 -7.39 -24.43
C GLY B 170 3.36 -7.96 -23.30
N TYR B 171 3.21 -7.34 -22.13
CA TYR B 171 3.91 -7.80 -20.94
C TYR B 171 3.07 -7.42 -19.73
N HIS B 172 3.14 -8.20 -18.66
CA HIS B 172 2.43 -7.82 -17.46
C HIS B 172 3.12 -8.39 -16.22
N VAL B 173 2.78 -7.80 -15.08
CA VAL B 173 3.23 -8.22 -13.75
C VAL B 173 2.00 -8.35 -12.86
N GLY B 174 2.00 -9.40 -12.03
CA GLY B 174 0.92 -9.61 -11.08
C GLY B 174 -0.24 -10.40 -11.68
N SER B 175 -1.38 -10.31 -10.99
CA SER B 175 -2.51 -11.21 -11.23
C SER B 175 -3.76 -10.53 -11.76
N SER B 176 -3.77 -9.20 -11.90
CA SER B 176 -5.00 -8.48 -12.23
C SER B 176 -5.20 -8.25 -13.72
N ILE B 177 -4.15 -8.30 -14.52
CA ILE B 177 -4.16 -7.87 -15.92
C ILE B 177 -3.41 -8.89 -16.78
N ASP B 178 -3.99 -9.27 -17.91
CA ASP B 178 -3.37 -10.24 -18.81
C ASP B 178 -3.17 -9.55 -20.16
N CYS B 179 -1.91 -9.21 -20.48
CA CYS B 179 -1.61 -8.51 -21.73
C CYS B 179 -0.93 -9.41 -22.75
N THR B 180 -0.88 -10.73 -22.51
CA THR B 180 -0.19 -11.63 -23.43
C THR B 180 -1.08 -12.63 -24.15
N THR B 181 -2.24 -13.00 -23.59
CA THR B 181 -3.04 -14.05 -24.23
C THR B 181 -3.57 -13.59 -25.59
N SER B 182 -4.03 -12.36 -25.69
CA SER B 182 -4.61 -11.83 -26.91
C SER B 182 -3.72 -10.72 -27.48
N THR B 183 -3.55 -10.72 -28.81
CA THR B 183 -2.77 -9.64 -29.44
C THR B 183 -3.54 -8.33 -29.55
N THR B 184 -4.85 -8.34 -29.30
CA THR B 184 -5.69 -7.18 -29.55
C THR B 184 -6.17 -6.49 -28.28
N GLY B 185 -5.75 -6.95 -27.12
CA GLY B 185 -6.11 -6.22 -25.92
C GLY B 185 -5.52 -6.85 -24.69
N CYS B 186 -5.74 -6.17 -23.57
CA CYS B 186 -5.39 -6.67 -22.26
C CYS B 186 -6.68 -7.05 -21.54
N ARG B 187 -6.72 -8.26 -21.00
CA ARG B 187 -7.89 -8.74 -20.27
C ARG B 187 -7.78 -8.36 -18.80
N ILE B 188 -8.83 -7.72 -18.28
CA ILE B 188 -8.91 -7.45 -16.85
C ILE B 188 -9.33 -8.74 -16.16
N LEU B 189 -8.45 -9.28 -15.31
CA LEU B 189 -8.74 -10.55 -14.66
C LEU B 189 -9.49 -10.36 -13.36
N LYS B 190 -9.30 -9.22 -12.71
CA LYS B 190 -9.91 -8.96 -11.41
C LYS B 190 -10.60 -7.60 -11.42
N ALA B 191 -11.81 -7.56 -10.87
CA ALA B 191 -12.50 -6.28 -10.71
C ALA B 191 -11.63 -5.32 -9.90
N GLY B 192 -11.55 -4.07 -10.35
CA GLY B 192 -10.70 -3.14 -9.67
C GLY B 192 -10.66 -1.80 -10.38
N THR B 193 -9.81 -0.90 -9.87
CA THR B 193 -9.65 0.43 -10.45
C THR B 193 -8.36 0.50 -11.26
N TYR B 194 -8.46 1.00 -12.50
CA TYR B 194 -7.36 1.01 -13.45
C TYR B 194 -7.14 2.40 -14.03
N GLU B 195 -5.86 2.73 -14.21
CA GLU B 195 -5.40 3.93 -14.89
C GLU B 195 -4.71 3.50 -16.18
N ILE B 196 -5.16 4.04 -17.31
CA ILE B 196 -4.77 3.55 -18.62
C ILE B 196 -4.40 4.74 -19.49
N ARG B 197 -3.28 4.64 -20.19
CA ARG B 197 -2.94 5.65 -21.19
C ARG B 197 -2.49 4.95 -22.46
N CYS B 198 -3.02 5.39 -23.60
CA CYS B 198 -2.68 4.82 -24.89
C CYS B 198 -2.20 5.95 -25.80
N VAL B 199 -1.08 5.73 -26.49
CA VAL B 199 -0.55 6.73 -27.41
C VAL B 199 -0.21 6.05 -28.72
N GLN B 200 -0.32 6.82 -29.80
CA GLN B 200 0.16 6.36 -31.11
C GLN B 200 0.62 7.56 -31.94
N ARG B 201 1.60 7.29 -32.83
CA ARG B 201 2.18 8.34 -33.66
C ARG B 201 1.34 8.63 -34.89
N ALA B 202 1.21 9.92 -35.20
CA ALA B 202 0.69 10.34 -36.50
C ALA B 202 1.69 10.03 -37.60
N GLY B 203 1.16 9.67 -38.77
CA GLY B 203 1.95 9.52 -39.97
C GLY B 203 2.27 10.83 -40.66
N THR B 204 2.41 10.77 -41.99
CA THR B 204 2.91 11.88 -42.78
C THR B 204 1.84 12.54 -43.65
N SER B 205 0.58 12.20 -43.43
CA SER B 205 -0.52 12.73 -44.25
C SER B 205 -0.86 14.17 -43.92
N GLY B 206 -0.59 14.62 -42.70
CA GLY B 206 -1.04 15.92 -42.27
C GLY B 206 -2.49 15.98 -41.83
N ASN B 207 -3.22 14.88 -41.92
CA ASN B 207 -4.60 14.81 -41.46
C ASN B 207 -4.66 14.72 -39.93
N SER B 208 -5.79 15.16 -39.38
CA SER B 208 -6.06 15.00 -37.96
C SER B 208 -6.33 13.53 -37.64
N VAL B 209 -5.59 12.97 -36.68
CA VAL B 209 -5.75 11.57 -36.29
C VAL B 209 -5.94 11.50 -34.78
N TYR B 210 -6.55 10.40 -34.35
CA TYR B 210 -6.62 10.11 -32.92
C TYR B 210 -6.80 8.62 -32.70
N VAL B 211 -6.57 8.21 -31.45
CA VAL B 211 -6.88 6.86 -30.99
C VAL B 211 -7.74 6.98 -29.74
N GLY B 212 -8.39 5.88 -29.40
CA GLY B 212 -9.23 5.83 -28.22
C GLY B 212 -9.13 4.47 -27.55
N ILE B 213 -9.20 4.49 -26.21
CA ILE B 213 -9.32 3.31 -25.39
C ILE B 213 -10.76 2.82 -25.41
N ALA B 214 -10.95 1.51 -25.48
CA ALA B 214 -12.32 1.01 -25.58
C ALA B 214 -12.45 -0.32 -24.84
N LEU B 215 -13.71 -0.69 -24.60
CA LEU B 215 -14.07 -1.99 -24.03
C LEU B 215 -14.37 -2.92 -25.20
N ASN B 216 -13.40 -3.75 -25.56
CA ASN B 216 -13.50 -4.63 -26.72
C ASN B 216 -14.01 -3.87 -27.95
N GLY B 217 -13.41 -2.71 -28.21
CA GLY B 217 -13.77 -1.90 -29.34
C GLY B 217 -14.90 -0.93 -29.11
N ASP B 218 -15.63 -1.06 -27.99
CA ASP B 218 -16.77 -0.20 -27.69
C ASP B 218 -16.28 0.99 -26.86
N ARG B 219 -16.13 2.14 -27.51
CA ARG B 219 -15.69 3.35 -26.81
C ARG B 219 -16.78 3.88 -25.88
N THR B 220 -18.04 3.89 -26.34
CA THR B 220 -19.14 4.43 -25.53
C THR B 220 -19.30 3.69 -24.22
N ALA B 221 -19.03 2.37 -24.22
CA ALA B 221 -19.20 1.58 -23.00
C ALA B 221 -18.34 2.11 -21.85
N LEU B 222 -17.23 2.78 -22.17
CA LEU B 222 -16.43 3.45 -21.15
C LEU B 222 -16.76 4.92 -21.05
N GLU B 223 -16.80 5.63 -22.20
CA GLU B 223 -16.91 7.09 -22.19
C GLU B 223 -18.20 7.58 -21.54
N SER B 224 -19.28 6.80 -21.67
CA SER B 224 -20.60 7.24 -21.21
C SER B 224 -20.79 7.11 -19.71
N ARG B 225 -19.83 6.56 -18.98
CA ARG B 225 -20.01 6.30 -17.55
C ARG B 225 -19.74 7.55 -16.73
N ASN B 226 -20.57 7.80 -15.73
CA ASN B 226 -20.37 8.98 -14.91
C ASN B 226 -19.36 8.75 -13.78
N ASP B 227 -18.80 7.54 -13.65
CA ASP B 227 -17.81 7.24 -12.62
C ASP B 227 -16.40 7.03 -13.18
N VAL B 228 -16.12 7.52 -14.39
CA VAL B 228 -14.81 7.35 -15.00
C VAL B 228 -14.31 8.64 -15.64
N LEU B 229 -13.00 8.69 -15.82
CA LEU B 229 -12.37 9.61 -16.76
C LEU B 229 -12.13 8.88 -18.07
N TRP B 230 -12.54 9.50 -19.18
CA TRP B 230 -12.21 9.03 -20.52
C TRP B 230 -11.93 10.26 -21.37
N ASN B 231 -10.75 10.33 -22.00
CA ASN B 231 -10.47 11.45 -22.89
C ASN B 231 -9.59 10.98 -24.06
N HIS B 232 -9.43 11.88 -25.03
CA HIS B 232 -8.48 11.68 -26.11
C HIS B 232 -8.19 13.00 -26.79
N SER B 233 -7.00 13.11 -27.36
CA SER B 233 -6.63 14.28 -28.16
C SER B 233 -6.52 13.91 -29.63
N HIS B 234 -6.45 14.95 -30.46
CA HIS B 234 -6.08 14.87 -31.87
C HIS B 234 -4.65 15.37 -32.06
N THR B 235 -4.00 14.86 -33.11
CA THR B 235 -2.72 15.41 -33.54
C THR B 235 -2.57 15.22 -35.04
N ALA B 236 -1.63 15.96 -35.61
CA ALA B 236 -1.33 15.77 -37.02
C ALA B 236 0.17 15.72 -37.33
N TYR B 237 1.02 16.34 -36.52
CA TYR B 237 2.43 16.45 -36.85
C TYR B 237 3.08 15.07 -36.88
N SER B 238 3.93 14.83 -37.89
CA SER B 238 4.48 13.49 -38.06
C SER B 238 5.34 13.11 -36.85
N GLY B 239 5.05 11.95 -36.27
CA GLY B 239 5.77 11.46 -35.11
C GLY B 239 5.26 11.97 -33.78
N SER B 240 4.32 12.91 -33.78
CA SER B 240 3.70 13.33 -32.54
C SER B 240 2.66 12.31 -32.10
N TYR B 241 2.27 12.38 -30.83
CA TYR B 241 1.34 11.42 -30.24
C TYR B 241 -0.07 11.99 -30.20
N THR B 242 -1.04 11.18 -30.64
CA THR B 242 -2.38 11.28 -30.11
C THR B 242 -2.45 10.39 -28.88
N GLU B 243 -3.11 10.88 -27.83
CA GLU B 243 -3.25 10.10 -26.61
C GLU B 243 -4.71 9.92 -26.23
N SER B 244 -4.97 8.86 -25.49
CA SER B 244 -6.26 8.60 -24.90
C SER B 244 -6.03 8.12 -23.47
N ASN B 245 -6.89 8.55 -22.55
CA ASN B 245 -6.72 8.18 -21.14
C ASN B 245 -8.03 7.65 -20.56
N PHE B 246 -7.89 6.74 -19.60
CA PHE B 246 -9.01 6.22 -18.84
C PHE B 246 -8.61 6.09 -17.38
N MET B 247 -9.54 6.41 -16.48
N MET B 247 -9.57 6.37 -16.49
CA MET B 247 -9.36 6.07 -15.07
CA MET B 247 -9.38 6.13 -15.05
C MET B 247 -10.71 5.68 -14.50
C MET B 247 -10.71 5.69 -14.48
N GLY B 248 -10.76 4.52 -13.85
CA GLY B 248 -11.96 4.09 -13.18
C GLY B 248 -12.03 2.59 -13.04
N THR B 249 -13.17 2.12 -12.51
CA THR B 249 -13.31 0.69 -12.26
C THR B 249 -13.63 -0.06 -13.55
N LEU B 250 -13.11 -1.28 -13.62
CA LEU B 250 -13.38 -2.22 -14.69
C LEU B 250 -13.73 -3.55 -14.05
N SER B 251 -14.43 -4.36 -14.84
CA SER B 251 -14.94 -5.64 -14.38
C SER B 251 -14.04 -6.80 -14.82
N ALA B 252 -14.00 -7.84 -14.00
CA ALA B 252 -13.34 -9.07 -14.41
C ALA B 252 -13.90 -9.54 -15.74
N ASN B 253 -13.01 -10.00 -16.61
CA ASN B 253 -13.25 -10.51 -17.96
C ASN B 253 -13.32 -9.41 -19.02
N ASP B 254 -13.30 -8.14 -18.64
CA ASP B 254 -13.28 -7.05 -19.61
C ASP B 254 -12.01 -7.12 -20.48
N LEU B 255 -12.16 -6.94 -21.78
CA LEU B 255 -11.02 -6.86 -22.69
C LEU B 255 -10.83 -5.40 -23.08
N ILE B 256 -9.72 -4.81 -22.66
CA ILE B 256 -9.44 -3.41 -22.97
C ILE B 256 -8.60 -3.32 -24.24
N THR B 257 -9.06 -2.49 -25.17
CA THR B 257 -8.43 -2.29 -26.47
C THR B 257 -8.09 -0.82 -26.67
N CYS B 258 -7.29 -0.54 -27.70
CA CYS B 258 -7.07 0.85 -28.08
C CYS B 258 -6.75 0.89 -29.56
N GLY B 259 -7.32 1.88 -30.25
CA GLY B 259 -6.93 2.06 -31.64
C GLY B 259 -7.67 3.20 -32.31
N ALA B 260 -7.51 3.24 -33.63
CA ALA B 260 -8.12 4.27 -34.45
C ALA B 260 -9.64 4.13 -34.48
N PRO B 261 -10.35 5.25 -34.60
CA PRO B 261 -11.83 5.19 -34.62
C PRO B 261 -12.43 4.54 -35.85
N VAL B 262 -11.73 4.51 -36.98
CA VAL B 262 -12.30 4.04 -38.25
C VAL B 262 -11.17 3.56 -39.14
N ASN B 263 -11.48 2.59 -40.01
CA ASN B 263 -10.44 1.98 -40.83
C ASN B 263 -9.77 3.00 -41.76
N THR B 264 -10.51 3.99 -42.24
CA THR B 264 -9.90 4.95 -43.17
C THR B 264 -8.83 5.79 -42.50
N MET B 265 -8.86 5.93 -41.18
CA MET B 265 -7.83 6.70 -40.49
C MET B 265 -6.54 5.93 -40.29
N ALA B 266 -6.58 4.60 -40.40
CA ALA B 266 -5.42 3.77 -40.11
C ALA B 266 -4.24 4.15 -40.99
N ALA B 267 -4.51 4.46 -42.26
CA ALA B 267 -3.46 4.86 -43.21
C ALA B 267 -2.70 6.10 -42.74
N ASP B 268 -3.31 6.91 -41.86
CA ASP B 268 -2.68 8.16 -41.43
C ASP B 268 -2.01 8.04 -40.06
N LEU B 269 -2.05 6.87 -39.45
CA LEU B 269 -1.30 6.58 -38.23
C LEU B 269 -0.11 5.67 -38.56
N VAL B 270 0.89 5.67 -37.70
CA VAL B 270 2.06 4.81 -37.88
C VAL B 270 1.80 3.44 -37.27
N TYR B 271 1.88 2.41 -38.09
CA TYR B 271 1.82 1.02 -37.64
C TYR B 271 3.18 0.38 -37.93
N ALA B 272 3.91 0.03 -36.88
CA ALA B 272 5.21 -0.61 -36.98
C ALA B 272 5.55 -1.21 -35.62
N VAL B 273 6.57 -2.05 -35.60
CA VAL B 273 6.92 -2.86 -34.43
C VAL B 273 7.47 -2.07 -33.24
N PRO B 274 8.38 -1.11 -33.42
CA PRO B 274 8.97 -0.46 -32.25
C PRO B 274 7.92 0.22 -31.37
N ALA B 275 8.11 0.09 -30.05
CA ALA B 275 7.15 0.61 -29.09
C ALA B 275 7.03 2.13 -29.14
N TYR B 276 8.05 2.84 -29.61
CA TYR B 276 7.90 4.28 -29.69
C TYR B 276 6.80 4.69 -30.66
N ASN B 277 6.35 3.78 -31.51
CA ASN B 277 5.26 4.10 -32.43
C ASN B 277 3.92 4.09 -31.73
N GLY B 278 3.79 3.34 -30.63
CA GLY B 278 2.54 3.31 -29.91
C GLY B 278 2.56 2.30 -28.79
N THR B 279 1.90 2.65 -27.68
CA THR B 279 1.84 1.75 -26.54
C THR B 279 0.51 1.95 -25.82
N MET B 280 0.16 0.93 -25.03
CA MET B 280 -0.97 1.04 -24.07
C MET B 280 -0.41 0.60 -22.71
N GLN B 281 -0.62 1.40 -21.67
CA GLN B 281 -0.20 1.08 -20.32
C GLN B 281 -1.42 1.04 -19.41
N ILE B 282 -1.52 -0.02 -18.62
CA ILE B 282 -2.60 -0.25 -17.66
C ILE B 282 -1.99 -0.49 -16.28
N LYS B 283 -2.37 0.32 -15.30
CA LYS B 283 -1.92 0.14 -13.92
C LYS B 283 -3.13 -0.13 -13.05
N ARG B 284 -3.06 -1.16 -12.22
CA ARG B 284 -4.07 -1.30 -11.18
C ARG B 284 -3.79 -0.29 -10.09
N VAL B 285 -4.82 0.47 -9.74
CA VAL B 285 -4.68 1.59 -8.80
C VAL B 285 -4.91 1.16 -7.37
N ASP B 286 -5.90 0.31 -7.15
CA ASP B 286 -6.28 -0.10 -5.81
C ASP B 286 -5.92 -1.57 -5.56
N ASP C 31 -12.39 -27.40 36.31
CA ASP C 31 -10.97 -27.59 36.54
C ASP C 31 -10.19 -26.31 36.29
N ASP C 32 -10.88 -25.18 36.31
CA ASP C 32 -10.26 -23.91 35.97
C ASP C 32 -9.15 -23.57 36.95
N LEU C 33 -8.21 -22.76 36.49
CA LEU C 33 -7.15 -22.21 37.33
C LEU C 33 -7.45 -20.73 37.49
N ASN C 34 -7.67 -20.28 38.72
CA ASN C 34 -7.96 -18.87 38.99
C ASN C 34 -6.82 -18.26 39.78
N ILE C 35 -6.47 -17.01 39.44
CA ILE C 35 -5.49 -16.23 40.16
C ILE C 35 -6.16 -14.89 40.42
N ARG C 36 -6.47 -14.61 41.68
CA ARG C 36 -7.22 -13.42 42.06
C ARG C 36 -6.32 -12.52 42.89
N THR C 37 -6.28 -11.22 42.56
CA THR C 37 -5.45 -10.26 43.29
C THR C 37 -6.28 -9.03 43.65
N TYR C 38 -6.29 -8.67 44.93
CA TYR C 38 -6.86 -7.43 45.41
C TYR C 38 -5.75 -6.49 45.86
N GLY C 39 -5.72 -5.29 45.30
CA GLY C 39 -4.80 -4.30 45.81
C GLY C 39 -4.59 -3.17 44.83
N ALA C 40 -3.85 -2.16 45.29
CA ALA C 40 -3.60 -0.96 44.51
C ALA C 40 -2.49 -1.15 43.49
N THR C 41 -1.53 -2.04 43.75
CA THR C 41 -0.36 -2.14 42.85
C THR C 41 -0.02 -3.59 42.47
N GLU C 42 -0.56 -4.54 43.21
CA GLU C 42 -0.28 -5.97 42.93
C GLU C 42 -1.10 -6.45 41.74
N THR C 43 -0.63 -7.50 41.09
CA THR C 43 -1.38 -8.08 39.95
C THR C 43 -1.21 -9.59 39.92
N SER C 44 -2.07 -10.25 39.18
CA SER C 44 -2.02 -11.70 39.02
C SER C 44 -1.08 -12.09 37.87
N SER C 45 -0.25 -13.10 38.10
CA SER C 45 0.67 -13.56 37.05
C SER C 45 0.71 -15.09 36.95
N LEU C 46 0.70 -15.59 35.72
CA LEU C 46 1.25 -16.91 35.43
C LEU C 46 2.69 -16.71 34.97
N ILE C 47 3.64 -17.35 35.64
CA ILE C 47 5.04 -17.17 35.33
C ILE C 47 5.65 -18.51 34.90
N MET C 48 6.25 -18.53 33.72
CA MET C 48 6.98 -19.72 33.26
C MET C 48 8.46 -19.38 33.12
N LEU C 49 9.29 -20.18 33.79
CA LEU C 49 10.72 -19.93 33.91
C LEU C 49 11.48 -21.10 33.30
N ARG C 50 12.59 -20.78 32.63
CA ARG C 50 13.46 -21.81 32.06
C ARG C 50 14.92 -21.52 32.40
N ALA C 51 15.62 -22.55 32.88
CA ALA C 51 17.07 -22.53 32.96
C ALA C 51 17.58 -23.84 32.39
N ARG C 52 18.87 -23.87 32.05
CA ARG C 52 19.57 -25.12 31.86
C ARG C 52 20.22 -25.51 33.18
N GLY C 53 20.92 -26.64 33.20
CA GLY C 53 21.52 -27.09 34.44
C GLY C 53 20.48 -27.61 35.44
N THR C 54 20.79 -27.41 36.72
CA THR C 54 19.96 -27.86 37.84
C THR C 54 19.69 -26.67 38.75
N ALA C 55 18.83 -26.87 39.76
CA ALA C 55 18.50 -25.78 40.67
C ALA C 55 19.73 -25.28 41.43
N SER C 56 20.61 -26.19 41.86
CA SER C 56 21.80 -25.79 42.60
C SER C 56 22.95 -25.38 41.68
N ALA C 57 22.89 -25.76 40.40
CA ALA C 57 23.92 -25.41 39.41
C ALA C 57 23.24 -25.05 38.10
N PRO C 58 22.50 -23.93 38.08
CA PRO C 58 21.81 -23.54 36.85
C PRO C 58 22.80 -23.13 35.77
N ALA C 59 22.30 -23.11 34.55
CA ALA C 59 23.06 -22.61 33.41
C ALA C 59 22.14 -21.74 32.55
N ALA C 60 22.75 -20.88 31.76
CA ALA C 60 21.98 -19.90 31.01
C ALA C 60 21.22 -20.52 29.84
N VAL C 61 20.10 -19.87 29.50
CA VAL C 61 19.31 -20.24 28.34
C VAL C 61 20.12 -20.07 27.05
N GLN C 62 19.93 -21.00 26.12
CA GLN C 62 20.64 -20.97 24.84
C GLN C 62 19.67 -20.67 23.70
N THR C 63 20.22 -20.15 22.60
CA THR C 63 19.40 -19.88 21.42
C THR C 63 18.56 -21.08 21.03
N GLY C 64 17.27 -20.85 20.85
CA GLY C 64 16.35 -21.91 20.45
C GLY C 64 15.64 -22.59 21.60
N ASP C 65 16.10 -22.38 22.83
CA ASP C 65 15.39 -22.94 23.98
C ASP C 65 14.01 -22.30 24.15
N ARG C 66 13.01 -23.13 24.46
CA ARG C 66 11.70 -22.58 24.78
C ARG C 66 11.67 -22.16 26.24
N LEU C 67 11.29 -20.90 26.48
CA LEU C 67 11.11 -20.40 27.84
C LEU C 67 9.84 -20.94 28.46
N GLY C 68 8.78 -21.07 27.67
CA GLY C 68 7.51 -21.60 28.14
C GLY C 68 6.51 -21.55 27.01
N GLY C 69 5.33 -22.08 27.29
CA GLY C 69 4.28 -22.09 26.29
C GLY C 69 2.92 -22.31 26.89
N VAL C 70 1.92 -21.77 26.23
CA VAL C 70 0.53 -22.10 26.50
C VAL C 70 0.07 -22.97 25.34
N LEU C 71 -0.29 -24.20 25.65
CA LEU C 71 -0.64 -25.19 24.64
C LEU C 71 -2.10 -25.58 24.78
N PHE C 72 -2.76 -25.77 23.65
CA PHE C 72 -4.15 -26.20 23.59
C PHE C 72 -4.21 -27.55 22.91
N ARG C 73 -5.02 -28.47 23.46
CA ARG C 73 -5.17 -29.79 22.84
C ARG C 73 -6.64 -30.18 22.84
N GLY C 74 -7.04 -30.90 21.82
CA GLY C 74 -8.43 -31.30 21.66
C GLY C 74 -8.56 -32.75 21.30
N TRP C 75 -9.61 -33.38 21.85
CA TRP C 75 -9.87 -34.79 21.56
C TRP C 75 -10.53 -34.92 20.18
N ASN C 76 -9.97 -35.80 19.35
CA ASN C 76 -10.52 -36.05 18.02
C ASN C 76 -11.21 -37.40 17.91
N GLY C 77 -11.30 -38.15 19.00
CA GLY C 77 -11.81 -39.50 19.00
C GLY C 77 -10.76 -40.57 19.24
N THR C 78 -9.52 -40.31 18.86
CA THR C 78 -8.40 -41.24 19.02
C THR C 78 -7.32 -40.73 19.95
N ALA C 79 -7.01 -39.43 19.91
CA ALA C 79 -5.87 -38.91 20.65
C ALA C 79 -6.08 -37.42 20.92
N TRP C 80 -5.23 -36.87 21.77
CA TRP C 80 -5.21 -35.44 22.00
C TRP C 80 -4.35 -34.80 20.92
N MET C 81 -4.96 -33.90 20.13
CA MET C 81 -4.30 -33.27 19.00
C MET C 81 -3.98 -31.82 19.31
N GLY C 82 -2.81 -31.37 18.84
CA GLY C 82 -2.43 -29.98 18.93
C GLY C 82 -3.49 -29.05 18.36
N SER C 83 -3.91 -28.09 19.17
CA SER C 83 -5.04 -27.21 18.87
C SER C 83 -4.65 -25.75 19.08
N GLY C 84 -3.40 -25.42 18.81
CA GLY C 84 -2.88 -24.07 18.95
C GLY C 84 -1.87 -23.96 20.07
N GLN C 85 -0.98 -22.97 19.92
CA GLN C 85 -0.01 -22.74 21.00
C GLN C 85 0.57 -21.32 20.92
N ILE C 86 0.93 -20.81 22.09
CA ILE C 86 1.61 -19.54 22.20
C ILE C 86 2.93 -19.82 22.90
N LEU C 87 4.04 -19.59 22.21
CA LEU C 87 5.36 -19.97 22.70
C LEU C 87 6.24 -18.74 22.85
N SER C 88 7.16 -18.81 23.81
CA SER C 88 8.24 -17.84 23.94
C SER C 88 9.53 -18.61 23.76
N VAL C 89 10.37 -18.18 22.81
CA VAL C 89 11.58 -18.93 22.45
C VAL C 89 12.79 -17.99 22.39
N ALA C 90 13.93 -18.45 22.89
CA ALA C 90 15.14 -17.64 22.91
C ALA C 90 15.74 -17.50 21.52
N GLU C 91 16.20 -16.29 21.21
CA GLU C 91 16.87 -15.98 19.96
C GLU C 91 18.33 -15.61 20.16
N GLU C 92 18.81 -15.69 21.40
CA GLU C 92 20.20 -15.42 21.73
C GLU C 92 20.51 -16.20 23.00
N ASN C 93 21.78 -16.52 23.17
CA ASN C 93 22.27 -17.04 24.44
C ASN C 93 22.16 -15.95 25.50
N PHE C 94 21.53 -16.27 26.63
CA PHE C 94 21.19 -15.21 27.59
C PHE C 94 22.42 -14.64 28.30
N THR C 95 23.58 -15.32 28.28
CA THR C 95 24.78 -14.69 28.83
C THR C 95 25.25 -13.54 27.95
N THR C 96 24.86 -13.54 26.67
CA THR C 96 25.13 -12.44 25.76
C THR C 96 24.03 -11.38 25.83
N ALA C 97 22.79 -11.78 25.59
CA ALA C 97 21.70 -10.84 25.68
C ALA C 97 20.39 -11.60 25.78
N VAL C 98 19.42 -11.00 26.45
CA VAL C 98 18.10 -11.59 26.61
C VAL C 98 17.29 -11.16 25.38
N LYS C 99 17.16 -12.07 24.42
CA LYS C 99 16.41 -11.85 23.19
C LYS C 99 15.48 -13.03 22.99
N THR C 100 14.19 -12.77 22.77
CA THR C 100 13.22 -13.83 22.54
C THR C 100 12.25 -13.45 21.42
N ASN C 101 11.58 -14.47 20.90
CA ASN C 101 10.43 -14.26 20.04
C ASN C 101 9.20 -14.85 20.71
N LEU C 102 8.05 -14.38 20.24
CA LEU C 102 6.75 -14.96 20.55
C LEU C 102 6.21 -15.62 19.28
N GLN C 103 5.61 -16.79 19.43
CA GLN C 103 5.09 -17.53 18.29
C GLN C 103 3.65 -17.90 18.56
N PHE C 104 2.81 -17.74 17.54
CA PHE C 104 1.39 -18.09 17.62
C PHE C 104 1.12 -19.15 16.55
N HIS C 105 0.70 -20.33 17.00
CA HIS C 105 0.43 -21.48 16.15
C HIS C 105 -1.06 -21.84 16.25
N VAL C 106 -1.61 -22.34 15.15
CA VAL C 106 -3.00 -22.76 15.08
C VAL C 106 -3.05 -24.22 14.64
N GLY C 107 -4.12 -24.91 15.04
CA GLY C 107 -4.41 -26.21 14.50
C GLY C 107 -4.73 -26.12 13.02
N GLY C 108 -3.97 -26.83 12.19
CA GLY C 108 -4.10 -26.74 10.75
C GLY C 108 -2.78 -26.29 10.15
N ALA C 109 -2.60 -24.98 10.01
CA ALA C 109 -1.42 -24.45 9.35
C ALA C 109 -0.16 -24.51 10.23
N GLY C 110 -0.29 -24.57 11.55
CA GLY C 110 0.89 -24.55 12.38
C GLY C 110 1.29 -23.14 12.76
N GLU C 111 2.59 -22.83 12.74
CA GLU C 111 3.00 -21.47 13.09
C GLU C 111 2.42 -20.46 12.10
N ALA C 112 1.70 -19.48 12.65
CA ALA C 112 1.00 -18.48 11.85
C ALA C 112 1.55 -17.08 12.02
N MET C 113 2.09 -16.75 13.19
CA MET C 113 2.61 -15.41 13.40
C MET C 113 3.80 -15.47 14.34
N ARG C 114 4.82 -14.69 14.04
CA ARG C 114 6.01 -14.63 14.89
C ARG C 114 6.32 -13.17 15.19
N ILE C 115 6.73 -12.89 16.42
CA ILE C 115 7.22 -11.58 16.81
C ILE C 115 8.66 -11.76 17.28
N SER C 116 9.62 -11.20 16.55
CA SER C 116 11.03 -11.40 16.87
C SER C 116 11.48 -10.43 17.96
N ASN C 117 12.74 -10.64 18.42
CA ASN C 117 13.29 -9.85 19.52
C ASN C 117 13.43 -8.37 19.17
N THR C 118 13.48 -8.05 17.88
CA THR C 118 13.49 -6.69 17.34
C THR C 118 12.11 -6.04 17.37
N GLY C 119 11.06 -6.81 17.66
CA GLY C 119 9.71 -6.36 17.51
C GLY C 119 9.13 -6.58 16.12
N ASN C 120 9.91 -7.12 15.19
CA ASN C 120 9.43 -7.29 13.83
C ASN C 120 8.50 -8.49 13.74
N VAL C 121 7.39 -8.34 13.01
CA VAL C 121 6.32 -9.33 12.99
C VAL C 121 6.28 -10.01 11.63
N GLY C 122 6.23 -11.33 11.62
CA GLY C 122 5.99 -12.09 10.40
C GLY C 122 4.65 -12.81 10.48
N ILE C 123 3.88 -12.72 9.39
CA ILE C 123 2.62 -13.44 9.23
C ILE C 123 2.77 -14.33 8.01
N GLY C 124 2.72 -15.64 8.20
CA GLY C 124 2.97 -16.57 7.11
C GLY C 124 4.42 -16.81 6.79
N THR C 125 5.34 -16.17 7.53
CA THR C 125 6.77 -16.29 7.34
C THR C 125 7.47 -16.10 8.69
N THR C 126 8.63 -16.75 8.82
CA THR C 126 9.48 -16.52 9.98
C THR C 126 10.57 -15.50 9.69
N THR C 127 10.65 -15.01 8.45
CA THR C 127 11.68 -13.99 8.09
C THR C 127 11.11 -12.63 8.50
N THR C 128 11.71 -11.99 9.50
CA THR C 128 11.12 -10.76 10.04
C THR C 128 12.02 -9.57 9.74
N THR C 129 12.30 -9.36 8.45
CA THR C 129 13.25 -8.33 8.05
C THR C 129 12.73 -6.92 8.35
N GLU C 130 11.48 -6.66 8.02
CA GLU C 130 10.88 -5.37 8.27
C GLU C 130 9.96 -5.44 9.48
N LYS C 131 9.38 -4.30 9.85
CA LYS C 131 8.54 -4.26 11.03
C LYS C 131 7.31 -5.16 10.88
N LEU C 132 6.76 -5.27 9.66
CA LEU C 132 5.71 -6.22 9.36
C LEU C 132 6.04 -6.89 8.03
N ASN C 133 5.90 -8.22 7.99
CA ASN C 133 6.21 -9.01 6.81
C ASN C 133 5.07 -9.98 6.62
N VAL C 134 4.47 -9.99 5.43
CA VAL C 134 3.32 -10.83 5.14
C VAL C 134 3.67 -11.69 3.94
N GLN C 135 3.62 -13.00 4.11
CA GLN C 135 3.83 -13.93 3.00
C GLN C 135 2.45 -14.33 2.49
N GLY C 136 1.95 -13.55 1.54
CA GLY C 136 0.61 -13.69 1.00
C GLY C 136 0.10 -12.34 0.51
N ASN C 137 -1.20 -12.25 0.31
CA ASN C 137 -1.85 -10.99 -0.05
C ASN C 137 -2.36 -10.29 1.20
N VAL C 138 -2.69 -9.01 1.04
CA VAL C 138 -3.28 -8.19 2.09
C VAL C 138 -4.51 -7.49 1.54
N ALA C 139 -5.63 -7.61 2.25
CA ALA C 139 -6.88 -6.96 1.88
C ALA C 139 -7.26 -5.96 2.97
N VAL C 140 -7.37 -4.70 2.59
CA VAL C 140 -7.73 -3.61 3.48
C VAL C 140 -9.03 -3.01 2.96
N SER C 141 -10.03 -2.86 3.84
CA SER C 141 -11.31 -2.30 3.42
C SER C 141 -11.26 -0.80 3.28
N GLY C 142 -10.41 -0.13 4.06
CA GLY C 142 -10.22 1.30 4.00
C GLY C 142 -9.00 1.67 3.17
N GLU C 143 -8.34 2.74 3.59
CA GLU C 143 -7.21 3.31 2.87
C GLU C 143 -5.92 3.05 3.63
N ILE C 144 -4.81 3.05 2.90
CA ILE C 144 -3.47 2.85 3.46
C ILE C 144 -2.70 4.14 3.24
N THR C 145 -2.02 4.63 4.29
CA THR C 145 -1.06 5.72 4.16
C THR C 145 0.33 5.18 4.45
N SER C 146 1.31 5.69 3.71
CA SER C 146 2.70 5.24 3.83
C SER C 146 3.56 6.21 3.06
N VAL C 147 4.87 6.17 3.31
CA VAL C 147 5.79 6.98 2.52
C VAL C 147 6.02 6.29 1.18
N ARG C 148 5.84 7.03 0.09
CA ARG C 148 6.14 6.54 -1.25
C ARG C 148 7.41 7.19 -1.76
N SER C 149 8.29 6.38 -2.36
CA SER C 149 9.48 6.93 -3.00
C SER C 149 9.15 7.54 -4.35
N TRP C 150 9.57 8.80 -4.53
CA TRP C 150 9.45 9.46 -5.83
C TRP C 150 10.52 10.53 -5.91
N GLY C 151 10.82 10.93 -7.15
CA GLY C 151 11.79 11.99 -7.34
C GLY C 151 11.56 12.70 -8.66
N ILE C 152 12.17 13.87 -8.79
CA ILE C 152 12.01 14.70 -9.97
C ILE C 152 13.33 15.41 -10.28
N LYS C 153 13.51 15.68 -11.56
CA LYS C 153 14.50 16.65 -12.05
C LYS C 153 13.73 17.79 -12.71
N ARG C 154 14.26 19.01 -12.54
CA ARG C 154 13.58 20.21 -13.08
C ARG C 154 14.59 21.13 -13.78
N GLY C 155 14.20 21.71 -14.92
CA GLY C 155 15.06 22.72 -15.57
C GLY C 155 16.21 22.13 -16.37
N PRO C 156 16.01 21.74 -17.64
CA PRO C 156 17.09 21.25 -18.47
C PRO C 156 17.96 22.46 -18.82
N THR C 157 19.17 22.54 -18.26
CA THR C 157 19.98 23.73 -18.47
C THR C 157 21.09 23.54 -19.50
N SER C 158 21.49 22.31 -19.82
CA SER C 158 22.43 22.09 -20.92
C SER C 158 22.36 20.66 -21.41
N PHE C 159 22.89 20.45 -22.61
CA PHE C 159 23.09 19.13 -23.18
C PHE C 159 24.45 18.59 -22.73
N SER C 160 24.44 17.50 -21.98
CA SER C 160 25.71 16.92 -21.53
C SER C 160 26.23 15.85 -22.50
N ALA C 161 25.36 14.95 -22.92
CA ALA C 161 25.72 13.87 -23.82
C ALA C 161 24.43 13.36 -24.44
N ASN C 162 24.55 12.47 -25.42
CA ASN C 162 23.35 11.90 -26.01
C ASN C 162 22.47 11.32 -24.92
N TYR C 163 21.19 11.73 -24.93
CA TYR C 163 20.18 11.30 -23.95
C TYR C 163 20.54 11.69 -22.52
N ILE C 164 21.35 12.72 -22.33
CA ILE C 164 21.70 13.19 -20.99
C ILE C 164 21.68 14.71 -20.93
N ASN C 165 20.59 15.27 -20.39
CA ASN C 165 20.59 16.67 -19.97
C ASN C 165 21.26 16.86 -18.62
N VAL C 166 21.84 18.04 -18.43
CA VAL C 166 22.08 18.58 -17.10
C VAL C 166 20.80 19.25 -16.63
N TRP C 167 20.42 19.03 -15.37
CA TRP C 167 19.20 19.56 -14.80
C TRP C 167 19.53 20.54 -13.69
N ASN C 168 18.77 21.63 -13.62
CA ASN C 168 19.07 22.66 -12.63
C ASN C 168 18.90 22.17 -11.21
N SER C 169 17.85 21.39 -10.94
CA SER C 169 17.69 20.89 -9.58
C SER C 169 16.99 19.54 -9.59
N GLY C 170 17.09 18.86 -8.45
CA GLY C 170 16.33 17.65 -8.21
C GLY C 170 15.67 17.68 -6.84
N TYR C 171 14.77 16.73 -6.64
CA TYR C 171 14.11 16.60 -5.35
C TYR C 171 13.58 15.18 -5.24
N HIS C 172 13.62 14.61 -4.03
CA HIS C 172 13.05 13.28 -3.86
C HIS C 172 12.54 13.07 -2.44
N VAL C 173 11.71 12.04 -2.31
CA VAL C 173 11.15 11.55 -1.06
C VAL C 173 11.36 10.05 -1.01
N GLY C 174 11.71 9.53 0.16
CA GLY C 174 11.87 8.10 0.35
C GLY C 174 13.31 7.64 0.19
N SER C 175 13.46 6.32 0.13
CA SER C 175 14.76 5.66 0.16
C SER C 175 15.13 4.96 -1.16
N SER C 176 14.26 4.98 -2.16
CA SER C 176 14.54 4.20 -3.36
C SER C 176 15.21 4.99 -4.48
N ILE C 177 15.10 6.32 -4.48
CA ILE C 177 15.51 7.16 -5.59
C ILE C 177 16.30 8.35 -5.05
N ASP C 178 17.42 8.68 -5.71
CA ASP C 178 18.23 9.84 -5.34
C ASP C 178 18.33 10.77 -6.55
N CYS C 179 17.62 11.89 -6.50
CA CYS C 179 17.62 12.86 -7.59
C CYS C 179 18.42 14.12 -7.26
N THR C 180 19.19 14.13 -6.18
CA THR C 180 19.95 15.32 -5.83
C THR C 180 21.46 15.15 -5.88
N THR C 181 21.98 13.93 -5.92
CA THR C 181 23.43 13.75 -5.88
C THR C 181 24.07 14.09 -7.22
N SER C 182 23.41 13.72 -8.32
CA SER C 182 23.91 13.89 -9.68
C SER C 182 23.06 14.90 -10.43
N THR C 183 23.71 15.89 -11.06
CA THR C 183 22.98 16.84 -11.88
C THR C 183 22.45 16.24 -13.17
N THR C 184 22.92 15.06 -13.57
CA THR C 184 22.57 14.50 -14.88
C THR C 184 21.63 13.32 -14.78
N GLY C 185 21.08 13.04 -13.61
CA GLY C 185 20.09 11.97 -13.58
C GLY C 185 19.63 11.67 -12.18
N CYS C 186 18.73 10.70 -12.09
CA CYS C 186 18.26 10.17 -10.82
C CYS C 186 18.85 8.78 -10.65
N ARG C 187 19.46 8.53 -9.50
CA ARG C 187 20.06 7.24 -9.24
C ARG C 187 19.06 6.36 -8.49
N ILE C 188 18.85 5.16 -9.03
CA ILE C 188 18.05 4.14 -8.35
C ILE C 188 18.89 3.53 -7.24
N LEU C 189 18.38 3.59 -6.02
CA LEU C 189 19.11 3.08 -4.84
C LEU C 189 18.71 1.67 -4.48
N LYS C 190 17.51 1.25 -4.85
CA LYS C 190 16.99 -0.08 -4.53
C LYS C 190 16.37 -0.68 -5.77
N ALA C 191 16.62 -1.97 -5.98
CA ALA C 191 15.94 -2.68 -7.05
C ALA C 191 14.44 -2.52 -6.88
N GLY C 192 13.75 -2.27 -7.98
CA GLY C 192 12.29 -2.10 -7.87
C GLY C 192 11.72 -1.78 -9.24
N THR C 193 10.41 -1.52 -9.26
CA THR C 193 9.72 -1.13 -10.49
C THR C 193 9.45 0.37 -10.48
N TYR C 194 9.74 1.04 -11.60
CA TYR C 194 9.67 2.49 -11.66
C TYR C 194 8.89 2.92 -12.89
N GLU C 195 8.13 4.00 -12.72
CA GLU C 195 7.35 4.66 -13.77
C GLU C 195 7.97 6.04 -13.97
N ILE C 196 8.39 6.33 -15.21
CA ILE C 196 9.20 7.51 -15.49
C ILE C 196 8.64 8.25 -16.69
N ARG C 197 8.49 9.57 -16.56
CA ARG C 197 8.08 10.38 -17.70
C ARG C 197 8.99 11.59 -17.77
N CYS C 198 9.53 11.83 -18.96
CA CYS C 198 10.42 12.97 -19.21
C CYS C 198 9.83 13.84 -20.31
N VAL C 199 9.82 15.16 -20.10
CA VAL C 199 9.31 16.08 -21.11
C VAL C 199 10.29 17.24 -21.29
N GLN C 200 10.31 17.77 -22.51
CA GLN C 200 11.06 19.00 -22.76
C GLN C 200 10.38 19.80 -23.88
N ARG C 201 10.47 21.12 -23.78
CA ARG C 201 9.87 22.05 -24.74
C ARG C 201 10.70 22.16 -26.02
N ALA C 202 10.01 22.12 -27.15
CA ALA C 202 10.61 22.56 -28.40
C ALA C 202 10.89 24.06 -28.40
N GLY C 203 11.98 24.44 -29.08
CA GLY C 203 12.29 25.83 -29.33
C GLY C 203 11.46 26.39 -30.48
N THR C 204 12.01 27.42 -31.14
CA THR C 204 11.25 28.23 -32.10
C THR C 204 11.50 27.89 -33.56
N SER C 205 12.31 26.87 -33.85
CA SER C 205 12.72 26.58 -35.23
C SER C 205 11.64 25.94 -36.07
N GLY C 206 10.71 25.21 -35.47
CA GLY C 206 9.78 24.40 -36.24
C GLY C 206 10.36 23.08 -36.74
N ASN C 207 11.60 22.76 -36.39
CA ASN C 207 12.19 21.47 -36.71
C ASN C 207 11.69 20.37 -35.77
N SER C 208 11.69 19.15 -36.26
CA SER C 208 11.26 18.02 -35.45
C SER C 208 12.29 17.73 -34.36
N VAL C 209 11.85 17.68 -33.10
CA VAL C 209 12.76 17.38 -31.99
C VAL C 209 12.17 16.27 -31.10
N TYR C 210 13.05 15.64 -30.35
CA TYR C 210 12.61 14.65 -29.36
C TYR C 210 13.66 14.49 -28.27
N VAL C 211 13.21 13.93 -27.14
CA VAL C 211 14.10 13.47 -26.08
C VAL C 211 13.80 12.01 -25.79
N GLY C 212 14.70 11.37 -25.07
CA GLY C 212 14.50 9.99 -24.67
C GLY C 212 15.07 9.75 -23.29
N ILE C 213 14.44 8.83 -22.55
CA ILE C 213 14.98 8.32 -21.28
C ILE C 213 16.05 7.29 -21.56
N ALA C 214 17.10 7.27 -20.74
CA ALA C 214 18.19 6.33 -20.99
C ALA C 214 18.80 5.88 -19.68
N LEU C 215 19.57 4.80 -19.77
CA LEU C 215 20.36 4.28 -18.65
C LEU C 215 21.76 4.85 -18.83
N ASN C 216 22.05 5.93 -18.10
CA ASN C 216 23.33 6.62 -18.23
C ASN C 216 23.64 6.93 -19.70
N GLY C 217 22.63 7.45 -20.41
CA GLY C 217 22.77 7.85 -21.79
C GLY C 217 22.60 6.73 -22.79
N ASP C 218 22.49 5.49 -22.33
CA ASP C 218 22.31 4.34 -23.21
C ASP C 218 20.81 4.10 -23.33
N ARG C 219 20.22 4.58 -24.43
CA ARG C 219 18.80 4.38 -24.66
C ARG C 219 18.50 2.90 -24.93
N THR C 220 19.34 2.24 -25.73
CA THR C 220 19.09 0.86 -26.12
C THR C 220 19.03 -0.08 -24.91
N ALA C 221 19.82 0.21 -23.88
CA ALA C 221 19.80 -0.62 -22.67
C ALA C 221 18.42 -0.74 -22.07
N LEU C 222 17.61 0.32 -22.19
CA LEU C 222 16.22 0.22 -21.72
C LEU C 222 15.29 -0.23 -22.84
N GLU C 223 15.41 0.41 -24.00
CA GLU C 223 14.44 0.20 -25.07
C GLU C 223 14.40 -1.25 -25.55
N SER C 224 15.55 -1.94 -25.56
CA SER C 224 15.64 -3.30 -26.10
C SER C 224 15.06 -4.36 -25.18
N ARG C 225 14.63 -3.99 -23.98
CA ARG C 225 14.19 -5.00 -23.00
C ARG C 225 12.75 -5.42 -23.25
N ASN C 226 12.49 -6.72 -23.15
N ASN C 226 12.50 -6.72 -23.16
CA ASN C 226 11.15 -7.24 -23.40
CA ASN C 226 11.16 -7.25 -23.40
C ASN C 226 10.25 -7.17 -22.18
C ASN C 226 10.24 -7.14 -22.19
N ASP C 227 10.75 -6.69 -21.04
CA ASP C 227 9.95 -6.60 -19.82
C ASP C 227 9.65 -5.16 -19.44
N VAL C 228 9.82 -4.20 -20.37
CA VAL C 228 9.59 -2.80 -20.05
C VAL C 228 8.76 -2.13 -21.14
N LEU C 229 8.16 -1.00 -20.76
CA LEU C 229 7.66 -0.02 -21.70
C LEU C 229 8.73 1.04 -21.87
N TRP C 230 9.04 1.37 -23.13
CA TRP C 230 9.88 2.53 -23.46
C TRP C 230 9.29 3.17 -24.71
N ASN C 231 9.03 4.47 -24.65
CA ASN C 231 8.54 5.14 -25.86
C ASN C 231 9.01 6.59 -25.89
N HIS C 232 8.80 7.26 -27.03
CA HIS C 232 9.01 8.70 -27.13
C HIS C 232 8.27 9.24 -28.34
N SER C 233 7.97 10.54 -28.29
CA SER C 233 7.31 11.26 -29.39
C SER C 233 8.24 12.31 -29.98
N HIS C 234 7.85 12.80 -31.15
CA HIS C 234 8.41 14.00 -31.76
C HIS C 234 7.44 15.15 -31.56
N THR C 235 7.98 16.36 -31.58
CA THR C 235 7.14 17.54 -31.67
C THR C 235 7.91 18.63 -32.42
N ALA C 236 7.20 19.66 -32.86
CA ALA C 236 7.87 20.81 -33.46
C ALA C 236 7.32 22.15 -32.98
N TYR C 237 6.07 22.23 -32.54
CA TYR C 237 5.51 23.53 -32.18
C TYR C 237 6.22 24.15 -30.98
N SER C 238 6.48 25.45 -31.05
CA SER C 238 7.25 26.12 -30.00
C SER C 238 6.52 26.02 -28.65
N GLY C 239 7.23 25.54 -27.63
CA GLY C 239 6.64 25.39 -26.31
C GLY C 239 5.86 24.12 -26.10
N SER C 240 5.71 23.35 -27.16
CA SER C 240 5.08 22.02 -27.04
C SER C 240 6.09 21.05 -26.44
N TYR C 241 5.57 19.93 -25.94
CA TYR C 241 6.48 18.96 -25.32
C TYR C 241 6.74 17.73 -26.18
N THR C 242 8.00 17.31 -26.21
CA THR C 242 8.32 15.96 -26.70
C THR C 242 8.38 15.15 -25.41
N GLU C 243 7.84 13.94 -25.43
CA GLU C 243 7.80 13.13 -24.19
C GLU C 243 8.45 11.77 -24.40
N SER C 244 9.02 11.26 -23.32
CA SER C 244 9.51 9.88 -23.34
C SER C 244 9.04 9.22 -22.06
N ASN C 245 8.67 7.94 -22.13
CA ASN C 245 8.13 7.21 -21.00
C ASN C 245 8.86 5.90 -20.83
N PHE C 246 8.94 5.46 -19.57
CA PHE C 246 9.47 4.16 -19.20
C PHE C 246 8.66 3.54 -18.08
N MET C 247 8.44 2.24 -18.15
N MET C 247 8.47 2.23 -18.14
CA MET C 247 7.85 1.52 -17.03
CA MET C 247 7.82 1.50 -17.06
C MET C 247 8.49 0.14 -16.94
C MET C 247 8.52 0.15 -16.95
N GLY C 248 9.05 -0.16 -15.78
CA GLY C 248 9.67 -1.45 -15.61
C GLY C 248 10.66 -1.46 -14.47
N THR C 249 11.28 -2.63 -14.29
CA THR C 249 12.22 -2.81 -13.19
C THR C 249 13.57 -2.20 -13.53
N LEU C 250 14.23 -1.72 -12.48
CA LEU C 250 15.56 -1.18 -12.54
C LEU C 250 16.35 -1.73 -11.37
N SER C 251 17.67 -1.61 -11.49
CA SER C 251 18.62 -2.17 -10.53
C SER C 251 19.26 -1.07 -9.68
N ALA C 252 19.64 -1.46 -8.46
CA ALA C 252 20.38 -0.54 -7.61
C ALA C 252 21.62 -0.02 -8.33
N ASN C 253 21.84 1.29 -8.23
CA ASN C 253 22.95 2.06 -8.79
C ASN C 253 22.69 2.48 -10.24
N ASP C 254 21.60 2.06 -10.87
CA ASP C 254 21.27 2.58 -12.19
C ASP C 254 21.09 4.08 -12.14
N LEU C 255 21.69 4.79 -13.10
CA LEU C 255 21.49 6.22 -13.24
C LEU C 255 20.58 6.48 -14.42
N ILE C 256 19.39 7.00 -14.16
CA ILE C 256 18.43 7.28 -15.23
C ILE C 256 18.60 8.72 -15.70
N THR C 257 18.76 8.89 -17.01
CA THR C 257 19.00 10.20 -17.62
C THR C 257 17.91 10.46 -18.66
N CYS C 258 17.87 11.69 -19.18
CA CYS C 258 16.95 11.97 -20.28
C CYS C 258 17.46 13.17 -21.06
N GLY C 259 17.36 13.10 -22.37
CA GLY C 259 17.72 14.26 -23.18
C GLY C 259 17.63 14.00 -24.66
N ALA C 260 18.12 14.98 -25.42
CA ALA C 260 18.11 14.92 -26.87
C ALA C 260 19.02 13.80 -27.37
N PRO C 261 18.73 13.27 -28.56
CA PRO C 261 19.54 12.15 -29.08
C PRO C 261 20.92 12.53 -29.55
N VAL C 262 21.16 13.82 -29.84
CA VAL C 262 22.41 14.22 -30.49
C VAL C 262 22.60 15.71 -30.29
N ASN C 263 23.87 16.14 -30.23
CA ASN C 263 24.18 17.52 -29.85
C ASN C 263 23.56 18.55 -30.80
N THR C 264 23.51 18.24 -32.11
CA THR C 264 23.01 19.20 -33.08
C THR C 264 21.54 19.55 -32.85
N MET C 265 20.80 18.69 -32.14
CA MET C 265 19.39 18.97 -31.88
C MET C 265 19.22 19.91 -30.69
N ALA C 266 20.26 20.12 -29.89
CA ALA C 266 20.12 20.97 -28.72
C ALA C 266 19.74 22.40 -29.11
N ALA C 267 20.23 22.87 -30.24
CA ALA C 267 19.90 24.23 -30.68
C ALA C 267 18.41 24.42 -30.88
N ASP C 268 17.66 23.34 -31.01
CA ASP C 268 16.23 23.41 -31.31
C ASP C 268 15.35 23.05 -30.11
N LEU C 269 15.94 22.76 -28.95
CA LEU C 269 15.21 22.52 -27.71
C LEU C 269 15.43 23.71 -26.77
N VAL C 270 14.54 23.89 -25.81
CA VAL C 270 14.69 24.97 -24.83
C VAL C 270 15.46 24.49 -23.62
N TYR C 271 16.55 25.17 -23.30
CA TYR C 271 17.31 24.91 -22.08
C TYR C 271 17.24 26.14 -21.20
N ALA C 272 16.62 26.01 -20.03
CA ALA C 272 16.46 27.13 -19.11
C ALA C 272 16.02 26.55 -17.76
N VAL C 273 16.01 27.40 -16.74
CA VAL C 273 15.80 26.91 -15.38
C VAL C 273 14.35 26.54 -15.06
N PRO C 274 13.34 27.32 -15.45
CA PRO C 274 11.97 26.99 -15.03
C PRO C 274 11.56 25.57 -15.41
N ALA C 275 10.89 24.90 -14.47
CA ALA C 275 10.52 23.50 -14.68
C ALA C 275 9.59 23.32 -15.86
N TYR C 276 8.83 24.36 -16.23
CA TYR C 276 7.92 24.18 -17.36
C TYR C 276 8.68 23.94 -18.66
N ASN C 277 9.98 24.24 -18.68
CA ASN C 277 10.81 23.93 -19.85
C ASN C 277 11.11 22.45 -19.95
N GLY C 278 11.08 21.73 -18.86
CA GLY C 278 11.34 20.31 -18.93
C GLY C 278 11.51 19.71 -17.55
N THR C 279 11.07 18.46 -17.41
CA THR C 279 11.15 17.77 -16.14
C THR C 279 11.30 16.28 -16.38
N MET C 280 11.83 15.61 -15.35
N MET C 280 11.84 15.58 -15.38
CA MET C 280 11.84 14.16 -15.22
CA MET C 280 11.74 14.13 -15.35
C MET C 280 11.03 13.82 -13.98
C MET C 280 11.09 13.76 -14.03
N GLN C 281 10.13 12.84 -14.07
CA GLN C 281 9.45 12.37 -12.88
C GLN C 281 9.61 10.87 -12.80
N ILE C 282 10.01 10.39 -11.62
CA ILE C 282 10.19 8.97 -11.34
C ILE C 282 9.37 8.60 -10.10
N LYS C 283 8.53 7.58 -10.22
CA LYS C 283 7.77 7.06 -9.09
C LYS C 283 8.10 5.59 -8.93
N ARG C 284 8.37 5.17 -7.70
CA ARG C 284 8.44 3.76 -7.40
C ARG C 284 7.03 3.18 -7.38
N VAL C 285 6.81 2.11 -8.15
CA VAL C 285 5.47 1.54 -8.35
C VAL C 285 5.15 0.52 -7.27
N ASP C 286 6.14 -0.26 -6.88
CA ASP C 286 5.94 -1.37 -5.96
C ASP C 286 6.71 -1.16 -4.68
#